data_6VMA
#
_entry.id   6VMA
#
_cell.length_a   129.934
_cell.length_b   129.934
_cell.length_c   115.412
_cell.angle_alpha   90.000
_cell.angle_beta   90.000
_cell.angle_gamma   120.000
#
_symmetry.space_group_name_H-M   'P 64'
#
loop_
_entity.id
_entity.type
_entity.pdbx_description
1 polymer 'MHC class I antigen, A-2 alpha chain'
2 polymer Beta-2-microglobulin
3 polymer 'T4H2 T cell receptor alpha chain'
4 polymer 'T4H2 T cell receptor beta chain'
5 polymer 'Melanocyte protein PMEL'
6 water water
#
loop_
_entity_poly.entity_id
_entity_poly.type
_entity_poly.pdbx_seq_one_letter_code
_entity_poly.pdbx_strand_id
1 'polypeptide(L)'
;GSHSMRYFFTSVSRPGRGEPRFIAVGYVDDTQFVRFDSDAASQRMEPRAPWIEQEGPEYWDGETRKVKAHSQTHRVDLGT
LRGYYNQSEAGSHTVQRMYGCDVGSDWRFLRGYHQYAYDGKDYIALKEDLRSWTAADMAAQTTKHKWEAAHVAEQLRAYL
EGTCVEWLRRYLENGKETLQRTDAPKTHMTHHAVSDHEATLRCWALSFYPAEITLTWQRDGEDQTQDTELVETRPAGDGT
FQKWAAVVVPSGQEQRYTCHVQHEGLPKPLTLRWE
;
A
2 'polypeptide(L)'
;MIQRTPKIQVYSRHPAENGKSNFLNCYVSGFHPSDIEVDLLKNGERIEKVEHSDLSFSKDWSFYLLYYTEFTPTEKDEYA
CRVNHVTLSQPKIVKWDRDM
;
B
3 'polypeptide(L)'
;MQKEVEQNSGPLSVPEGAIASLNCTYSDRGSQSFFWYRQYSGKSPELIMSIYSNGDKEDGRFTAQLNKASQYVSLLIRDS
QPSDSATYLCAVNALLGNQFYFGTGTSLTVIPNIQNPDPAVYQLRDSKSSDKSVCLFTDFDSQTNVSQSKDSDVYITDKC
VLDMRSMDFKSNSAVAWSNKSDFACANAFNNSIIPEDTFFPSPESS
;
D
4 'polypeptide(L)'
;MGITQSPKYLFRKEGQNVTLSCEQNLNHDAMYWYRQDPGQGLRLIYYSQIVNDFQKGDIAEGYSVSREKKESFPLTVTSA
QKNPTAFYLCASSMGGTYEQYFGPGTRLTVTEDLKNVFPPEVAVFEPSEAEISHTQKATLVCLATGFYPDHVELSWWVNG
KEVHSGVCTDPQPLKEQPALNDSRYALSSRLRVSATFWQDPRNHFRCQVQFYGLSENDEWTQDRAKPVTQIVSAEAWGRA
D
;
E
5 'polypeptide(L)' ITDQVPFSV C
#
# COMPACT_ATOMS: atom_id res chain seq x y z
N GLY A 1 32.59 23.20 -13.99
CA GLY A 1 32.49 24.64 -14.19
C GLY A 1 31.99 25.39 -12.97
N SER A 2 31.35 26.53 -13.19
CA SER A 2 30.87 27.35 -12.08
C SER A 2 29.65 26.72 -11.42
N HIS A 3 28.73 26.17 -12.21
CA HIS A 3 27.54 25.55 -11.67
C HIS A 3 27.17 24.34 -12.51
N SER A 4 26.25 23.53 -11.99
CA SER A 4 25.83 22.34 -12.69
C SER A 4 24.49 21.88 -12.15
N MET A 5 23.73 21.20 -13.02
CA MET A 5 22.51 20.51 -12.65
C MET A 5 22.67 19.05 -13.05
N ARG A 6 22.36 18.14 -12.14
CA ARG A 6 22.51 16.72 -12.42
C ARG A 6 21.32 15.93 -11.90
N TYR A 7 20.94 14.90 -12.64
CA TYR A 7 19.86 14.00 -12.24
C TYR A 7 20.39 12.58 -12.18
N PHE A 8 19.91 11.82 -11.19
CA PHE A 8 20.36 10.46 -10.93
C PHE A 8 19.15 9.53 -10.85
N PHE A 9 19.18 8.44 -11.61
CA PHE A 9 18.08 7.49 -11.67
C PHE A 9 18.60 6.09 -11.39
N THR A 10 17.90 5.35 -10.53
CA THR A 10 18.27 3.99 -10.18
C THR A 10 17.03 3.11 -10.12
N SER A 11 17.07 1.96 -10.77
CA SER A 11 16.01 0.96 -10.69
C SER A 11 16.60 -0.36 -10.21
N VAL A 12 15.98 -0.96 -9.20
CA VAL A 12 16.44 -2.22 -8.62
C VAL A 12 15.31 -3.23 -8.72
N SER A 13 15.52 -4.28 -9.52
CA SER A 13 14.51 -5.31 -9.70
C SER A 13 14.33 -6.11 -8.41
N ARG A 14 13.10 -6.59 -8.20
CA ARG A 14 12.76 -7.43 -7.06
C ARG A 14 12.05 -8.67 -7.58
N PRO A 15 12.80 -9.67 -8.05
CA PRO A 15 12.17 -10.87 -8.60
C PRO A 15 11.32 -11.58 -7.56
N GLY A 16 10.05 -11.83 -7.92
CA GLY A 16 9.14 -12.52 -7.02
C GLY A 16 8.71 -11.74 -5.81
N ARG A 17 8.97 -10.45 -5.76
CA ARG A 17 8.58 -9.63 -4.62
C ARG A 17 7.89 -8.33 -5.02
N GLY A 18 7.74 -8.07 -6.32
CA GLY A 18 7.04 -6.89 -6.76
C GLY A 18 7.75 -6.19 -7.90
N GLU A 19 7.21 -5.07 -8.34
CA GLU A 19 7.81 -4.31 -9.41
C GLU A 19 9.13 -3.69 -8.93
N PRO A 20 10.04 -3.37 -9.86
CA PRO A 20 11.33 -2.81 -9.46
C PRO A 20 11.16 -1.50 -8.70
N ARG A 21 12.08 -1.26 -7.78
CA ARG A 21 12.12 0.00 -7.05
C ARG A 21 12.82 1.05 -7.88
N PHE A 22 12.20 2.23 -8.00
CA PHE A 22 12.71 3.33 -8.79
C PHE A 22 12.92 4.53 -7.88
N ILE A 23 14.13 5.08 -7.89
CA ILE A 23 14.48 6.25 -7.11
C ILE A 23 15.15 7.26 -8.04
N ALA A 24 14.68 8.50 -8.00
CA ALA A 24 15.25 9.58 -8.79
C ALA A 24 15.49 10.78 -7.89
N VAL A 25 16.66 11.40 -8.04
CA VAL A 25 16.97 12.64 -7.32
C VAL A 25 17.56 13.64 -8.31
N GLY A 26 17.29 14.91 -8.06
CA GLY A 26 17.88 16.00 -8.81
C GLY A 26 18.76 16.87 -7.93
N TYR A 27 19.85 17.36 -8.51
CA TYR A 27 20.78 18.21 -7.75
C TYR A 27 21.23 19.43 -8.54
N VAL A 28 21.28 20.56 -7.85
CA VAL A 28 21.89 21.80 -8.41
C VAL A 28 23.18 21.94 -7.60
N ASP A 29 24.34 21.77 -8.25
CA ASP A 29 25.61 21.78 -7.48
C ASP A 29 25.54 20.69 -6.42
N ASP A 30 25.75 21.08 -5.16
CA ASP A 30 25.75 20.13 -4.03
C ASP A 30 24.40 20.16 -3.31
N THR A 31 23.39 20.79 -3.89
CA THR A 31 22.08 20.85 -3.21
C THR A 31 21.02 20.00 -3.93
N GLN A 32 20.41 19.04 -3.24
CA GLN A 32 19.29 18.29 -3.77
C GLN A 32 18.03 19.12 -3.68
N PHE A 33 17.24 19.13 -4.76
CA PHE A 33 15.99 19.89 -4.78
C PHE A 33 14.75 19.10 -5.18
N VAL A 34 14.89 17.92 -5.79
CA VAL A 34 13.74 17.07 -6.11
C VAL A 34 14.06 15.62 -5.82
N ARG A 35 13.00 14.84 -5.62
CA ARG A 35 13.14 13.41 -5.38
C ARG A 35 11.90 12.68 -5.90
N PHE A 36 12.09 11.39 -6.17
CA PHE A 36 10.99 10.48 -6.38
C PHE A 36 11.40 9.10 -5.89
N ASP A 37 10.53 8.47 -5.11
CA ASP A 37 10.77 7.13 -4.59
C ASP A 37 9.51 6.32 -4.84
N SER A 38 9.62 5.26 -5.65
CA SER A 38 8.47 4.42 -5.97
C SER A 38 7.87 3.78 -4.72
N ASP A 39 8.67 3.59 -3.67
CA ASP A 39 8.18 3.01 -2.43
C ASP A 39 7.59 4.03 -1.48
N ALA A 40 7.79 5.32 -1.73
CA ALA A 40 7.24 6.35 -0.88
C ALA A 40 5.73 6.46 -1.10
N ALA A 41 5.07 7.22 -0.22
CA ALA A 41 3.61 7.24 -0.24
C ALA A 41 3.06 8.23 -1.26
N SER A 42 3.77 9.34 -1.51
CA SER A 42 3.20 10.42 -2.32
C SER A 42 2.98 9.98 -3.76
N GLN A 43 3.88 9.15 -4.30
CA GLN A 43 3.82 8.74 -5.70
C GLN A 43 3.91 9.95 -6.63
N ARG A 44 4.65 10.97 -6.21
CA ARG A 44 4.84 12.18 -6.99
C ARG A 44 6.28 12.66 -6.84
N MET A 45 6.69 13.51 -7.77
CA MET A 45 7.94 14.24 -7.61
C MET A 45 7.78 15.21 -6.44
N GLU A 46 8.70 15.14 -5.48
CA GLU A 46 8.57 15.96 -4.29
C GLU A 46 9.69 17.00 -4.20
N PRO A 47 9.42 18.17 -3.64
CA PRO A 47 10.48 19.17 -3.47
C PRO A 47 11.36 18.86 -2.27
N ARG A 48 12.64 19.21 -2.40
CA ARG A 48 13.62 19.02 -1.34
C ARG A 48 14.43 20.28 -1.06
N ALA A 49 14.07 21.41 -1.66
CA ALA A 49 14.70 22.69 -1.41
C ALA A 49 13.62 23.76 -1.46
N PRO A 50 13.79 24.86 -0.72
CA PRO A 50 12.70 25.84 -0.65
C PRO A 50 12.41 26.53 -1.97
N TRP A 51 13.44 26.93 -2.70
CA TRP A 51 13.26 27.77 -3.88
C TRP A 51 12.51 27.04 -5.00
N ILE A 52 12.55 25.70 -5.02
CA ILE A 52 11.81 24.96 -6.04
C ILE A 52 10.33 24.84 -5.68
N GLU A 53 9.95 25.03 -4.41
CA GLU A 53 8.55 24.91 -4.04
C GLU A 53 7.66 25.94 -4.73
N GLN A 54 8.24 26.99 -5.31
CA GLN A 54 7.45 28.02 -5.96
C GLN A 54 7.03 27.65 -7.37
N GLU A 55 7.51 26.52 -7.89
CA GLU A 55 7.04 26.05 -9.19
C GLU A 55 5.57 25.66 -9.11
N GLY A 56 4.84 25.93 -10.19
CA GLY A 56 3.41 25.73 -10.22
C GLY A 56 3.03 24.28 -10.45
N PRO A 57 1.73 24.01 -10.39
CA PRO A 57 1.26 22.62 -10.53
C PRO A 57 1.63 21.99 -11.86
N GLU A 58 1.73 22.77 -12.94
CA GLU A 58 2.15 22.22 -14.21
C GLU A 58 3.54 21.60 -14.11
N TYR A 59 4.43 22.22 -13.33
CA TYR A 59 5.76 21.67 -13.12
C TYR A 59 5.68 20.31 -12.42
N TRP A 60 5.02 20.25 -11.27
CA TRP A 60 5.02 19.02 -10.48
C TRP A 60 4.24 17.91 -11.15
N ASP A 61 3.11 18.24 -11.78
CA ASP A 61 2.37 17.22 -12.51
C ASP A 61 3.18 16.69 -13.68
N GLY A 62 3.90 17.56 -14.39
CA GLY A 62 4.69 17.12 -15.52
C GLY A 62 5.88 16.27 -15.09
N GLU A 63 6.58 16.70 -14.05
CA GLU A 63 7.73 15.95 -13.57
C GLU A 63 7.33 14.58 -13.04
N THR A 64 6.18 14.50 -12.36
CA THR A 64 5.70 13.21 -11.86
C THR A 64 5.43 12.26 -13.01
N ARG A 65 4.77 12.73 -14.07
CA ARG A 65 4.49 11.87 -15.21
C ARG A 65 5.77 11.46 -15.93
N LYS A 66 6.77 12.34 -15.98
CA LYS A 66 7.98 12.03 -16.72
C LYS A 66 8.83 10.98 -16.01
N VAL A 67 9.03 11.12 -14.70
CA VAL A 67 9.85 10.13 -13.99
C VAL A 67 9.12 8.79 -13.93
N LYS A 68 7.79 8.80 -13.88
CA LYS A 68 7.05 7.54 -13.87
C LYS A 68 7.28 6.77 -15.15
N ALA A 69 7.16 7.45 -16.30
CA ALA A 69 7.46 6.80 -17.56
C ALA A 69 8.92 6.37 -17.62
N HIS A 70 9.81 7.18 -17.03
CA HIS A 70 11.22 6.79 -16.94
C HIS A 70 11.39 5.48 -16.19
N SER A 71 10.65 5.31 -15.08
CA SER A 71 10.70 4.04 -14.36
C SER A 71 10.14 2.90 -15.21
N GLN A 72 9.10 3.19 -15.99
CA GLN A 72 8.54 2.16 -16.88
C GLN A 72 9.55 1.75 -17.94
N THR A 73 10.28 2.72 -18.50
CA THR A 73 11.33 2.38 -19.45
C THR A 73 12.39 1.49 -18.81
N HIS A 74 12.75 1.78 -17.55
CA HIS A 74 13.71 0.94 -16.85
C HIS A 74 13.16 -0.46 -16.62
N ARG A 75 11.84 -0.60 -16.43
CA ARG A 75 11.26 -1.93 -16.29
C ARG A 75 11.49 -2.75 -17.56
N VAL A 76 11.40 -2.09 -18.72
CA VAL A 76 11.66 -2.79 -19.98
C VAL A 76 13.15 -3.05 -20.14
N ASP A 77 13.99 -2.12 -19.70
CA ASP A 77 15.44 -2.32 -19.81
C ASP A 77 15.90 -3.49 -18.96
N LEU A 78 15.38 -3.61 -17.73
CA LEU A 78 15.78 -4.68 -16.84
C LEU A 78 15.53 -6.05 -17.44
N GLY A 79 14.43 -6.20 -18.19
CA GLY A 79 14.15 -7.46 -18.86
C GLY A 79 14.93 -7.63 -20.15
N THR A 80 15.07 -6.55 -20.91
CA THR A 80 15.83 -6.62 -22.15
C THR A 80 17.27 -6.99 -21.90
N LEU A 81 17.88 -6.41 -20.86
CA LEU A 81 19.29 -6.68 -20.58
C LEU A 81 19.52 -8.13 -20.18
N ARG A 82 18.51 -8.78 -19.56
CA ARG A 82 18.64 -10.20 -19.27
C ARG A 82 18.82 -11.01 -20.54
N GLY A 83 18.14 -10.62 -21.62
CA GLY A 83 18.30 -11.32 -22.89
C GLY A 83 19.61 -11.00 -23.58
N TYR A 84 20.14 -9.79 -23.36
CA TYR A 84 21.43 -9.44 -23.96
C TYR A 84 22.57 -10.28 -23.37
N TYR A 85 22.51 -10.55 -22.07
CA TYR A 85 23.55 -11.30 -21.37
C TYR A 85 23.14 -12.73 -21.07
N ASN A 86 21.95 -13.15 -21.50
CA ASN A 86 21.44 -14.51 -21.28
C ASN A 86 21.42 -14.85 -19.79
N GLN A 87 20.81 -13.97 -19.00
CA GLN A 87 20.73 -14.13 -17.55
C GLN A 87 19.34 -14.59 -17.14
N SER A 88 19.27 -15.18 -15.95
CA SER A 88 18.03 -15.72 -15.43
C SER A 88 17.24 -14.64 -14.70
N GLU A 89 15.97 -14.95 -14.44
CA GLU A 89 15.08 -14.06 -13.69
C GLU A 89 15.09 -14.33 -12.19
N ALA A 90 16.02 -15.15 -11.71
CA ALA A 90 16.09 -15.44 -10.28
C ALA A 90 16.95 -14.45 -9.51
N GLY A 91 17.79 -13.68 -10.20
CA GLY A 91 18.66 -12.72 -9.57
C GLY A 91 18.18 -11.29 -9.72
N SER A 92 18.57 -10.45 -8.76
CA SER A 92 18.24 -9.04 -8.77
C SER A 92 19.31 -8.25 -9.51
N HIS A 93 18.86 -7.33 -10.36
CA HIS A 93 19.74 -6.48 -11.14
C HIS A 93 19.35 -5.03 -10.96
N THR A 94 20.28 -4.13 -11.26
CA THR A 94 20.03 -2.71 -11.15
C THR A 94 20.49 -1.99 -12.41
N VAL A 95 19.71 -1.00 -12.82
CA VAL A 95 20.11 -0.09 -13.89
C VAL A 95 20.23 1.30 -13.29
N GLN A 96 21.18 2.07 -13.81
CA GLN A 96 21.45 3.41 -13.31
C GLN A 96 21.66 4.36 -14.47
N ARG A 97 20.95 5.48 -14.46
CA ARG A 97 21.10 6.54 -15.44
C ARG A 97 21.52 7.82 -14.74
N MET A 98 22.28 8.65 -15.44
CA MET A 98 22.75 9.90 -14.88
C MET A 98 23.02 10.87 -16.01
N TYR A 99 22.48 12.08 -15.91
CA TYR A 99 22.78 13.11 -16.90
C TYR A 99 22.76 14.48 -16.25
N GLY A 100 23.18 15.47 -17.02
CA GLY A 100 23.25 16.83 -16.52
C GLY A 100 24.20 17.67 -17.35
N CYS A 101 24.33 18.93 -16.94
CA CYS A 101 25.12 19.90 -17.66
C CYS A 101 25.93 20.74 -16.69
N ASP A 102 27.07 21.24 -17.17
CA ASP A 102 27.90 22.20 -16.44
C ASP A 102 27.92 23.51 -17.21
N VAL A 103 27.95 24.62 -16.47
CA VAL A 103 27.97 25.95 -17.08
C VAL A 103 29.19 26.71 -16.57
N GLY A 104 29.62 27.69 -17.38
CA GLY A 104 30.76 28.51 -17.05
C GLY A 104 30.39 29.67 -16.15
N SER A 105 31.35 30.60 -16.01
CA SER A 105 31.13 31.79 -15.19
C SER A 105 30.06 32.69 -15.76
N ASP A 106 29.82 32.63 -17.06
CA ASP A 106 28.77 33.38 -17.72
C ASP A 106 27.45 32.60 -17.79
N TRP A 107 27.36 31.46 -17.11
CA TRP A 107 26.13 30.65 -17.07
C TRP A 107 25.73 30.16 -18.45
N ARG A 108 26.70 29.99 -19.34
CA ARG A 108 26.48 29.39 -20.64
C ARG A 108 27.04 27.98 -20.65
N PHE A 109 26.54 27.18 -21.59
CA PHE A 109 26.89 25.77 -21.62
C PHE A 109 28.40 25.58 -21.66
N LEU A 110 28.88 24.63 -20.88
CA LEU A 110 30.29 24.23 -20.91
C LEU A 110 30.48 22.75 -21.20
N ARG A 111 29.62 21.90 -20.68
CA ARG A 111 29.87 20.47 -20.64
C ARG A 111 28.56 19.72 -20.45
N GLY A 112 28.46 18.54 -21.05
CA GLY A 112 27.27 17.73 -20.92
C GLY A 112 27.64 16.27 -20.76
N TYR A 113 26.71 15.49 -20.21
CA TYR A 113 26.96 14.07 -20.02
C TYR A 113 25.63 13.33 -19.90
N HIS A 114 25.64 12.06 -20.32
CA HIS A 114 24.50 11.16 -20.18
C HIS A 114 25.05 9.75 -20.22
N GLN A 115 25.06 9.07 -19.09
CA GLN A 115 25.70 7.76 -19.00
C GLN A 115 24.76 6.76 -18.34
N TYR A 116 24.97 5.49 -18.67
CA TYR A 116 24.08 4.40 -18.31
C TYR A 116 24.92 3.22 -17.82
N ALA A 117 24.48 2.61 -16.72
CA ALA A 117 25.20 1.50 -16.12
C ALA A 117 24.27 0.33 -15.87
N TYR A 118 24.84 -0.87 -15.89
CA TYR A 118 24.11 -2.09 -15.60
C TYR A 118 24.90 -2.90 -14.58
N ASP A 119 24.27 -3.18 -13.44
CA ASP A 119 24.89 -3.93 -12.33
C ASP A 119 26.15 -3.24 -11.83
N GLY A 120 26.19 -1.91 -11.91
CA GLY A 120 27.28 -1.14 -11.35
C GLY A 120 28.46 -0.92 -12.25
N LYS A 121 28.41 -1.41 -13.49
CA LYS A 121 29.48 -1.23 -14.47
C LYS A 121 28.98 -0.37 -15.61
N ASP A 122 29.89 0.44 -16.16
CA ASP A 122 29.57 1.24 -17.34
C ASP A 122 28.95 0.38 -18.43
N TYR A 123 27.83 0.85 -18.99
CA TYR A 123 27.16 0.17 -20.08
C TYR A 123 27.23 0.99 -21.37
N ILE A 124 26.74 2.21 -21.36
CA ILE A 124 26.82 3.09 -22.52
C ILE A 124 26.77 4.53 -22.05
N ALA A 125 27.52 5.39 -22.73
CA ALA A 125 27.62 6.79 -22.36
C ALA A 125 27.73 7.66 -23.60
N LEU A 126 27.22 8.88 -23.47
CA LEU A 126 27.39 9.87 -24.51
C LEU A 126 28.78 10.51 -24.38
N LYS A 127 29.51 10.56 -25.49
CA LYS A 127 30.84 11.15 -25.45
C LYS A 127 30.76 12.66 -25.23
N GLU A 128 31.93 13.28 -25.08
CA GLU A 128 32.00 14.69 -24.71
C GLU A 128 31.43 15.58 -25.80
N ASP A 129 31.58 15.19 -27.07
CA ASP A 129 31.04 16.01 -28.16
C ASP A 129 29.52 15.91 -28.27
N LEU A 130 28.87 15.10 -27.44
CA LEU A 130 27.41 14.91 -27.45
C LEU A 130 26.90 14.42 -28.80
N ARG A 131 27.75 13.71 -29.56
CA ARG A 131 27.40 13.28 -30.91
C ARG A 131 27.75 11.83 -31.20
N SER A 132 28.35 11.11 -30.26
CA SER A 132 28.72 9.72 -30.44
C SER A 132 28.52 8.98 -29.14
N TRP A 133 28.68 7.65 -29.18
CA TRP A 133 28.43 6.80 -28.04
C TRP A 133 29.66 5.96 -27.73
N THR A 134 29.81 5.61 -26.46
CA THR A 134 30.86 4.70 -25.98
C THR A 134 30.17 3.44 -25.46
N ALA A 135 30.36 2.33 -26.17
CA ALA A 135 29.78 1.05 -25.81
C ALA A 135 30.79 0.22 -25.03
N ALA A 136 30.33 -0.42 -23.96
CA ALA A 136 31.22 -1.21 -23.13
C ALA A 136 31.48 -2.58 -23.74
N ASP A 137 30.42 -3.36 -23.90
CA ASP A 137 30.55 -4.74 -24.34
C ASP A 137 29.66 -5.00 -25.55
N MET A 138 29.55 -6.28 -25.93
CA MET A 138 28.73 -6.65 -27.08
C MET A 138 27.30 -6.19 -26.93
N ALA A 139 26.73 -6.35 -25.73
CA ALA A 139 25.33 -5.99 -25.52
C ALA A 139 25.11 -4.49 -25.71
N ALA A 140 26.08 -3.67 -25.30
CA ALA A 140 25.95 -2.23 -25.47
C ALA A 140 26.00 -1.83 -26.93
N GLN A 141 26.76 -2.56 -27.75
CA GLN A 141 26.85 -2.21 -29.17
C GLN A 141 25.52 -2.41 -29.88
N THR A 142 24.70 -3.34 -29.40
CA THR A 142 23.34 -3.46 -29.92
C THR A 142 22.51 -2.24 -29.56
N THR A 143 22.65 -1.75 -28.33
CA THR A 143 21.96 -0.53 -27.93
C THR A 143 22.48 0.68 -28.70
N LYS A 144 23.77 0.71 -28.99
CA LYS A 144 24.35 1.83 -29.72
C LYS A 144 23.77 1.92 -31.12
N HIS A 145 23.69 0.78 -31.82
CA HIS A 145 23.16 0.79 -33.18
C HIS A 145 21.70 1.23 -33.19
N LYS A 146 20.92 0.78 -32.20
CA LYS A 146 19.52 1.21 -32.11
C LYS A 146 19.41 2.70 -31.86
N TRP A 147 20.16 3.21 -30.88
CA TRP A 147 20.09 4.63 -30.55
C TRP A 147 20.67 5.50 -31.65
N GLU A 148 21.61 4.97 -32.43
CA GLU A 148 22.09 5.73 -33.59
C GLU A 148 21.03 5.79 -34.68
N ALA A 149 20.36 4.67 -34.95
CA ALA A 149 19.31 4.66 -35.96
C ALA A 149 18.09 5.48 -35.55
N ALA A 150 17.89 5.69 -34.25
CA ALA A 150 16.79 6.51 -33.77
C ALA A 150 17.17 7.97 -33.59
N HIS A 151 18.43 8.34 -33.87
CA HIS A 151 18.92 9.70 -33.73
C HIS A 151 18.73 10.22 -32.31
N VAL A 152 19.07 9.36 -31.34
CA VAL A 152 18.88 9.70 -29.93
C VAL A 152 19.83 10.81 -29.51
N ALA A 153 21.07 10.76 -29.97
CA ALA A 153 22.07 11.73 -29.53
C ALA A 153 21.67 13.15 -29.90
N GLU A 154 21.05 13.32 -31.07
CA GLU A 154 20.61 14.65 -31.48
C GLU A 154 19.59 15.21 -30.50
N GLN A 155 18.72 14.36 -29.98
CA GLN A 155 17.68 14.82 -29.06
C GLN A 155 18.21 14.98 -27.64
N LEU A 156 19.20 14.20 -27.23
CA LEU A 156 19.81 14.42 -25.92
C LEU A 156 20.65 15.69 -25.90
N ARG A 157 21.32 15.99 -27.01
CA ARG A 157 22.12 17.21 -27.08
C ARG A 157 21.25 18.45 -26.94
N ALA A 158 20.02 18.40 -27.45
CA ALA A 158 19.14 19.55 -27.36
C ALA A 158 18.74 19.84 -25.92
N TYR A 159 18.69 18.80 -25.07
CA TYR A 159 18.43 19.01 -23.66
C TYR A 159 19.67 19.53 -22.93
N LEU A 160 20.79 18.82 -23.08
CA LEU A 160 22.00 19.15 -22.33
C LEU A 160 22.53 20.53 -22.72
N GLU A 161 22.49 20.87 -24.01
CA GLU A 161 22.92 22.18 -24.47
C GLU A 161 21.84 23.24 -24.32
N GLY A 162 20.58 22.83 -24.24
CA GLY A 162 19.46 23.76 -24.20
C GLY A 162 18.72 23.78 -22.88
N THR A 163 17.66 22.98 -22.80
CA THR A 163 16.79 23.00 -21.61
C THR A 163 17.58 22.89 -20.31
N CYS A 164 18.58 22.01 -20.26
CA CYS A 164 19.35 21.84 -19.03
C CYS A 164 20.00 23.15 -18.59
N VAL A 165 20.67 23.83 -19.52
CA VAL A 165 21.34 25.09 -19.20
C VAL A 165 20.32 26.17 -18.85
N GLU A 166 19.22 26.24 -19.61
CA GLU A 166 18.25 27.31 -19.39
C GLU A 166 17.58 27.17 -18.02
N TRP A 167 17.24 25.95 -17.62
CA TRP A 167 16.56 25.77 -16.35
C TRP A 167 17.53 25.78 -15.19
N LEU A 168 18.82 25.50 -15.44
CA LEU A 168 19.83 25.75 -14.43
C LEU A 168 19.93 27.24 -14.11
N ARG A 169 19.94 28.09 -15.14
CA ARG A 169 19.92 29.53 -14.90
C ARG A 169 18.70 29.93 -14.07
N ARG A 170 17.53 29.37 -14.40
CA ARG A 170 16.31 29.73 -13.69
C ARG A 170 16.41 29.38 -12.21
N TYR A 171 16.87 28.16 -11.91
CA TYR A 171 17.01 27.76 -10.52
C TYR A 171 18.02 28.64 -9.78
N LEU A 172 19.14 28.95 -10.43
CA LEU A 172 20.16 29.76 -9.77
C LEU A 172 19.63 31.13 -9.39
N GLU A 173 18.77 31.70 -10.23
CA GLU A 173 18.18 33.00 -9.94
C GLU A 173 17.11 32.91 -8.85
N ASN A 174 16.24 31.90 -8.92
CA ASN A 174 15.21 31.74 -7.91
C ASN A 174 15.77 31.34 -6.55
N GLY A 175 16.93 30.70 -6.52
CA GLY A 175 17.53 30.30 -5.25
C GLY A 175 18.85 30.96 -5.00
N LYS A 176 18.96 32.25 -5.35
CA LYS A 176 20.23 32.97 -5.21
C LYS A 176 20.76 32.89 -3.79
N GLU A 177 19.87 33.15 -2.81
CA GLU A 177 20.30 33.18 -1.41
C GLU A 177 20.82 31.84 -0.93
N THR A 178 20.47 30.74 -1.60
CA THR A 178 20.89 29.40 -1.23
C THR A 178 21.93 28.83 -2.17
N LEU A 179 21.70 28.92 -3.49
CA LEU A 179 22.59 28.28 -4.44
C LEU A 179 23.85 29.11 -4.68
N GLN A 180 23.71 30.42 -4.83
CA GLN A 180 24.87 31.28 -5.08
C GLN A 180 25.61 31.66 -3.80
N ARG A 181 25.33 30.99 -2.69
CA ARG A 181 26.05 31.24 -1.46
C ARG A 181 27.36 30.46 -1.45
N THR A 182 28.25 30.86 -0.56
CA THR A 182 29.48 30.13 -0.32
C THR A 182 29.84 30.28 1.15
N ASP A 183 29.88 29.17 1.88
CA ASP A 183 30.17 29.16 3.31
C ASP A 183 31.63 28.77 3.50
N ALA A 184 32.44 29.71 3.97
CA ALA A 184 33.83 29.40 4.25
C ALA A 184 33.91 28.35 5.37
N PRO A 185 34.93 27.50 5.34
CA PRO A 185 35.05 26.47 6.38
C PRO A 185 35.34 27.09 7.74
N LYS A 186 34.66 26.58 8.76
CA LYS A 186 34.97 26.87 10.15
C LYS A 186 36.02 25.85 10.60
N THR A 187 37.22 26.34 10.90
CA THR A 187 38.36 25.46 11.15
C THR A 187 38.82 25.54 12.60
N HIS A 188 39.39 24.44 13.07
CA HIS A 188 40.02 24.36 14.39
C HIS A 188 40.88 23.11 14.39
N MET A 189 41.71 22.97 15.43
CA MET A 189 42.63 21.84 15.52
C MET A 189 42.56 21.20 16.89
N THR A 190 42.70 19.88 16.93
CA THR A 190 42.67 19.10 18.17
C THR A 190 43.97 18.32 18.32
N HIS A 191 44.26 17.93 19.56
CA HIS A 191 45.47 17.21 19.90
C HIS A 191 45.13 15.96 20.69
N HIS A 192 45.79 14.85 20.34
CA HIS A 192 45.51 13.56 20.97
C HIS A 192 46.83 12.85 21.24
N ALA A 193 47.12 12.60 22.52
CA ALA A 193 48.34 11.93 22.93
C ALA A 193 48.23 10.45 22.59
N VAL A 194 49.05 9.98 21.65
CA VAL A 194 49.04 8.58 21.28
C VAL A 194 49.89 7.75 22.24
N SER A 195 51.11 8.23 22.52
CA SER A 195 52.00 7.60 23.47
C SER A 195 52.95 8.66 24.01
N ASP A 196 54.01 8.23 24.69
CA ASP A 196 54.96 9.18 25.26
C ASP A 196 55.84 9.83 24.20
N HIS A 197 55.96 9.22 23.01
CA HIS A 197 56.86 9.71 21.98
C HIS A 197 56.17 10.21 20.72
N GLU A 198 54.85 10.03 20.60
CA GLU A 198 54.11 10.46 19.42
C GLU A 198 52.78 11.08 19.82
N ALA A 199 52.33 12.05 19.02
CA ALA A 199 51.03 12.67 19.21
C ALA A 199 50.38 12.87 17.84
N THR A 200 49.05 12.84 17.83
CA THR A 200 48.27 13.02 16.61
C THR A 200 47.60 14.39 16.62
N LEU A 201 47.78 15.14 15.54
CA LEU A 201 47.12 16.43 15.33
C LEU A 201 46.03 16.23 14.28
N ARG A 202 44.81 16.62 14.61
CA ARG A 202 43.67 16.49 13.71
C ARG A 202 43.19 17.88 13.31
N CYS A 203 43.19 18.15 12.02
CA CYS A 203 42.84 19.45 11.46
C CYS A 203 41.40 19.41 10.97
N TRP A 204 40.54 20.25 11.55
CA TRP A 204 39.11 20.18 11.30
C TRP A 204 38.65 21.28 10.35
N ALA A 205 37.63 20.95 9.55
CA ALA A 205 36.97 21.91 8.67
C ALA A 205 35.49 21.55 8.64
N LEU A 206 34.64 22.50 9.05
CA LEU A 206 33.22 22.22 9.26
C LEU A 206 32.36 23.30 8.63
N SER A 207 31.09 22.95 8.45
CA SER A 207 30.04 23.88 8.01
C SER A 207 30.42 24.64 6.74
N PHE A 208 31.02 23.94 5.78
CA PHE A 208 31.42 24.58 4.54
C PHE A 208 30.54 24.10 3.38
N TYR A 209 30.42 24.97 2.37
CA TYR A 209 29.66 24.72 1.15
C TYR A 209 30.25 25.59 0.06
N PRO A 210 30.43 25.06 -1.16
CA PRO A 210 30.13 23.68 -1.57
C PRO A 210 31.14 22.66 -1.02
N ALA A 211 30.96 21.38 -1.36
CA ALA A 211 31.74 20.32 -0.73
C ALA A 211 33.19 20.27 -1.19
N GLU A 212 33.53 20.91 -2.29
CA GLU A 212 34.89 20.87 -2.80
C GLU A 212 35.85 21.55 -1.82
N ILE A 213 36.81 20.78 -1.30
CA ILE A 213 37.78 21.30 -0.36
C ILE A 213 39.05 20.46 -0.47
N THR A 214 40.16 21.05 -0.05
CA THR A 214 41.44 20.34 -0.02
C THR A 214 42.15 20.65 1.29
N LEU A 215 42.63 19.62 1.97
CA LEU A 215 43.38 19.76 3.22
C LEU A 215 44.74 19.12 3.04
N THR A 216 45.81 19.90 3.24
CA THR A 216 47.17 19.39 3.14
C THR A 216 47.93 19.73 4.41
N TRP A 217 48.92 18.90 4.72
CA TRP A 217 49.81 19.11 5.85
C TRP A 217 51.18 19.55 5.35
N GLN A 218 51.89 20.31 6.18
CA GLN A 218 53.24 20.75 5.85
C GLN A 218 54.11 20.68 7.10
N ARG A 219 55.38 20.33 6.89
CA ARG A 219 56.39 20.36 7.94
C ARG A 219 57.47 21.33 7.51
N ASP A 220 57.74 22.33 8.36
CA ASP A 220 58.71 23.39 8.06
C ASP A 220 58.38 24.10 6.76
N GLY A 221 57.12 24.06 6.33
CA GLY A 221 56.70 24.70 5.11
C GLY A 221 56.74 23.83 3.88
N GLU A 222 57.26 22.60 3.97
CA GLU A 222 57.28 21.67 2.84
C GLU A 222 56.16 20.65 3.01
N ASP A 223 55.59 20.24 1.88
CA ASP A 223 54.49 19.28 1.90
C ASP A 223 54.94 17.95 2.49
N GLN A 224 54.10 17.38 3.35
CA GLN A 224 54.37 16.08 3.97
C GLN A 224 53.12 15.22 3.86
N THR A 225 53.20 14.18 3.04
CA THR A 225 52.10 13.22 2.91
C THR A 225 52.34 11.93 3.69
N GLN A 226 53.52 11.76 4.29
CA GLN A 226 53.78 10.56 5.06
C GLN A 226 53.18 10.67 6.46
N ASP A 227 52.61 9.56 6.93
CA ASP A 227 51.95 9.48 8.24
C ASP A 227 50.80 10.48 8.35
N THR A 228 50.08 10.68 7.24
CA THR A 228 48.95 11.59 7.18
C THR A 228 47.68 10.83 6.81
N GLU A 229 46.58 11.18 7.46
CA GLU A 229 45.29 10.54 7.23
C GLU A 229 44.28 11.59 6.79
N LEU A 230 43.49 11.24 5.77
CA LEU A 230 42.54 12.19 5.19
C LEU A 230 41.20 11.49 4.99
N VAL A 231 40.21 11.87 5.80
CA VAL A 231 38.89 11.25 5.71
C VAL A 231 38.12 11.84 4.53
N GLU A 232 37.15 11.08 4.02
CA GLU A 232 36.39 11.54 2.87
C GLU A 232 35.32 12.54 3.31
N THR A 233 35.07 13.53 2.43
CA THR A 233 34.11 14.57 2.74
C THR A 233 32.73 13.97 3.01
N ARG A 234 32.09 14.43 4.08
CA ARG A 234 30.83 13.89 4.53
C ARG A 234 29.82 15.01 4.73
N PRO A 235 28.53 14.73 4.52
CA PRO A 235 27.51 15.76 4.72
C PRO A 235 27.19 15.97 6.19
N ALA A 236 27.02 17.23 6.57
CA ALA A 236 26.67 17.55 7.95
C ALA A 236 25.20 17.29 8.25
N GLY A 237 24.33 17.37 7.24
CA GLY A 237 22.90 17.15 7.40
C GLY A 237 22.07 18.41 7.29
N ASP A 238 22.69 19.59 7.41
CA ASP A 238 21.99 20.87 7.30
C ASP A 238 22.36 21.62 6.02
N GLY A 239 22.87 20.91 5.02
CA GLY A 239 23.29 21.53 3.79
C GLY A 239 24.74 21.96 3.74
N THR A 240 25.56 21.56 4.71
CA THR A 240 26.99 21.84 4.72
C THR A 240 27.76 20.52 4.72
N PHE A 241 29.09 20.63 4.79
CA PHE A 241 29.95 19.46 4.69
C PHE A 241 31.04 19.53 5.75
N GLN A 242 31.66 18.37 6.00
CA GLN A 242 32.70 18.22 7.01
C GLN A 242 33.85 17.41 6.43
N LYS A 243 35.06 17.75 6.86
CA LYS A 243 36.24 17.00 6.49
C LYS A 243 37.33 17.29 7.51
N TRP A 244 38.18 16.29 7.77
CA TRP A 244 39.34 16.50 8.62
C TRP A 244 40.53 15.72 8.07
N ALA A 245 41.72 16.13 8.53
CA ALA A 245 42.98 15.50 8.13
C ALA A 245 43.88 15.42 9.35
N ALA A 246 44.57 14.28 9.49
CA ALA A 246 45.38 14.01 10.66
C ALA A 246 46.82 13.70 10.25
N VAL A 247 47.72 13.82 11.23
CA VAL A 247 49.14 13.56 11.02
C VAL A 247 49.75 13.15 12.35
N VAL A 248 50.68 12.20 12.31
CA VAL A 248 51.39 11.74 13.50
C VAL A 248 52.67 12.56 13.64
N VAL A 249 52.90 13.10 14.84
CA VAL A 249 54.00 14.03 15.06
C VAL A 249 54.81 13.60 16.28
N PRO A 250 56.14 13.56 16.17
CA PRO A 250 56.98 13.34 17.36
C PRO A 250 56.65 14.36 18.46
N SER A 251 56.47 13.85 19.68
CA SER A 251 56.11 14.70 20.81
C SER A 251 57.16 15.77 21.03
N GLY A 252 56.70 17.02 21.13
CA GLY A 252 57.57 18.15 21.40
C GLY A 252 57.73 19.11 20.24
N GLN A 253 57.54 18.65 19.00
CA GLN A 253 57.77 19.47 17.83
C GLN A 253 56.50 19.62 17.00
N GLU A 254 55.35 19.79 17.66
CA GLU A 254 54.10 20.01 16.96
C GLU A 254 54.02 21.41 16.34
N GLN A 255 54.88 22.33 16.77
CA GLN A 255 54.89 23.68 16.23
C GLN A 255 55.56 23.76 14.87
N ARG A 256 56.11 22.67 14.37
CA ARG A 256 56.71 22.63 13.04
C ARG A 256 55.74 22.13 11.98
N TYR A 257 54.50 21.86 12.34
CA TYR A 257 53.49 21.32 11.42
C TYR A 257 52.35 22.32 11.26
N THR A 258 51.92 22.53 10.02
CA THR A 258 50.83 23.44 9.72
C THR A 258 49.83 22.77 8.80
N CYS A 259 48.56 23.11 8.98
CA CYS A 259 47.48 22.61 8.14
C CYS A 259 47.04 23.72 7.18
N HIS A 260 46.75 23.34 5.94
CA HIS A 260 46.34 24.29 4.92
C HIS A 260 44.99 23.87 4.35
N VAL A 261 44.05 24.81 4.34
CA VAL A 261 42.68 24.56 3.91
C VAL A 261 42.43 25.41 2.67
N GLN A 262 42.02 24.76 1.58
CA GLN A 262 41.69 25.43 0.33
C GLN A 262 40.22 25.21 0.04
N HIS A 263 39.50 26.32 -0.20
CA HIS A 263 38.07 26.27 -0.43
C HIS A 263 37.67 27.47 -1.26
N GLU A 264 36.50 27.37 -1.90
CA GLU A 264 36.02 28.42 -2.80
C GLU A 264 35.80 29.74 -2.08
N GLY A 265 35.43 29.70 -0.80
CA GLY A 265 35.21 30.90 -0.03
C GLY A 265 36.45 31.48 0.64
N LEU A 266 37.63 30.96 0.30
CA LEU A 266 38.89 31.47 0.87
C LEU A 266 39.80 31.94 -0.26
N PRO A 267 39.92 33.25 -0.48
CA PRO A 267 40.83 33.72 -1.54
C PRO A 267 42.25 33.25 -1.34
N LYS A 268 42.71 33.20 -0.09
CA LYS A 268 43.99 32.62 0.26
C LYS A 268 43.78 31.47 1.24
N PRO A 269 44.55 30.40 1.12
CA PRO A 269 44.34 29.24 2.00
C PRO A 269 44.53 29.61 3.46
N LEU A 270 43.70 29.03 4.31
CA LEU A 270 43.86 29.22 5.75
C LEU A 270 44.97 28.34 6.30
N THR A 271 45.66 28.86 7.31
CA THR A 271 46.71 28.14 8.00
C THR A 271 46.25 27.83 9.43
N LEU A 272 46.46 26.59 9.85
CA LEU A 272 46.10 26.15 11.20
C LEU A 272 47.32 25.60 11.91
N ARG A 273 47.49 26.01 13.16
CA ARG A 273 48.58 25.56 14.00
C ARG A 273 47.99 25.03 15.30
N TRP A 274 48.86 24.39 16.09
CA TRP A 274 48.47 23.96 17.43
C TRP A 274 48.95 24.91 18.52
N GLU A 275 50.04 25.63 18.28
CA GLU A 275 50.55 26.59 19.25
C GLU A 275 51.37 27.65 18.53
N MET B 1 28.55 -8.94 -11.80
CA MET B 1 27.99 -7.89 -10.95
C MET B 1 29.04 -7.33 -10.02
N ILE B 2 29.22 -6.01 -10.06
CA ILE B 2 30.21 -5.33 -9.22
C ILE B 2 29.63 -5.17 -7.82
N GLN B 3 30.25 -5.83 -6.85
CA GLN B 3 29.85 -5.71 -5.44
C GLN B 3 30.97 -5.02 -4.67
N ARG B 4 30.61 -3.98 -3.93
CA ARG B 4 31.56 -3.24 -3.10
C ARG B 4 30.98 -3.06 -1.71
N THR B 5 31.84 -3.14 -0.69
CA THR B 5 31.41 -3.00 0.68
C THR B 5 31.32 -1.52 1.07
N PRO B 6 30.35 -1.16 1.91
CA PRO B 6 30.17 0.26 2.27
C PRO B 6 31.23 0.78 3.21
N LYS B 7 31.55 2.06 3.04
CA LYS B 7 32.43 2.79 3.94
C LYS B 7 31.57 3.55 4.92
N ILE B 8 31.82 3.35 6.21
CA ILE B 8 30.97 3.87 7.28
C ILE B 8 31.66 5.03 7.96
N GLN B 9 30.88 6.04 8.34
CA GLN B 9 31.38 7.16 9.13
C GLN B 9 30.30 7.57 10.11
N VAL B 10 30.62 7.55 11.40
CA VAL B 10 29.72 7.97 12.46
C VAL B 10 30.25 9.28 13.04
N TYR B 11 29.38 10.28 13.12
CA TYR B 11 29.79 11.62 13.52
C TYR B 11 28.55 12.44 13.80
N SER B 12 28.74 13.58 14.44
CA SER B 12 27.65 14.48 14.77
C SER B 12 27.64 15.68 13.83
N ARG B 13 26.45 16.26 13.67
CA ARG B 13 26.29 17.42 12.79
C ARG B 13 27.07 18.62 13.30
N HIS B 14 27.02 18.86 14.61
CA HIS B 14 27.74 19.94 15.25
C HIS B 14 28.70 19.37 16.28
N PRO B 15 29.74 20.13 16.66
CA PRO B 15 30.61 19.71 17.76
C PRO B 15 29.82 19.25 18.98
N ALA B 16 30.09 18.04 19.44
CA ALA B 16 29.32 17.45 20.53
C ALA B 16 29.53 18.23 21.82
N GLU B 17 28.43 18.61 22.45
CA GLU B 17 28.46 19.29 23.75
C GLU B 17 27.41 18.65 24.65
N ASN B 18 27.86 18.09 25.77
CA ASN B 18 26.96 17.38 26.68
C ASN B 18 25.86 18.31 27.19
N GLY B 19 24.61 17.86 27.07
CA GLY B 19 23.49 18.64 27.52
C GLY B 19 22.68 19.24 26.38
N LYS B 20 23.35 19.71 25.34
CA LYS B 20 22.69 20.34 24.20
C LYS B 20 22.39 19.30 23.13
N SER B 21 21.23 19.44 22.51
CA SER B 21 20.81 18.50 21.47
C SER B 21 21.67 18.66 20.22
N ASN B 22 21.81 17.56 19.49
CA ASN B 22 22.62 17.52 18.28
C ASN B 22 21.99 16.51 17.33
N PHE B 23 22.71 16.14 16.28
CA PHE B 23 22.28 15.11 15.35
C PHE B 23 23.37 14.07 15.21
N LEU B 24 22.96 12.80 15.17
CA LEU B 24 23.88 11.68 15.00
C LEU B 24 23.80 11.21 13.55
N ASN B 25 24.94 11.19 12.86
CA ASN B 25 24.99 10.85 11.45
C ASN B 25 25.74 9.55 11.25
N CYS B 26 25.20 8.71 10.37
CA CYS B 26 25.86 7.48 9.92
C CYS B 26 25.87 7.55 8.39
N TYR B 27 27.03 7.90 7.84
CA TYR B 27 27.19 8.11 6.40
C TYR B 27 27.79 6.85 5.79
N VAL B 28 27.00 6.17 4.95
CA VAL B 28 27.46 4.99 4.21
C VAL B 28 27.65 5.38 2.75
N SER B 29 28.76 4.97 2.16
CA SER B 29 29.10 5.37 0.81
C SER B 29 29.97 4.29 0.17
N GLY B 30 30.07 4.35 -1.16
CA GLY B 30 30.93 3.45 -1.90
C GLY B 30 30.50 1.99 -1.89
N PHE B 31 29.19 1.72 -1.94
CA PHE B 31 28.70 0.36 -1.90
C PHE B 31 27.82 0.07 -3.12
N HIS B 32 27.65 -1.22 -3.39
CA HIS B 32 26.85 -1.76 -4.49
C HIS B 32 26.63 -3.24 -4.25
N PRO B 33 25.39 -3.76 -4.39
CA PRO B 33 24.15 -3.07 -4.77
C PRO B 33 23.61 -2.15 -3.68
N SER B 34 22.49 -1.48 -3.98
CA SER B 34 21.94 -0.43 -3.13
C SER B 34 21.26 -0.97 -1.88
N ASP B 35 20.82 -2.22 -1.90
CA ASP B 35 20.12 -2.77 -0.73
C ASP B 35 21.05 -2.81 0.46
N ILE B 36 20.71 -2.06 1.51
CA ILE B 36 21.56 -1.92 2.68
C ILE B 36 20.67 -1.72 3.90
N GLU B 37 21.11 -2.24 5.04
CA GLU B 37 20.41 -2.07 6.30
C GLU B 37 21.28 -1.25 7.24
N VAL B 38 20.77 -0.11 7.68
CA VAL B 38 21.47 0.77 8.61
C VAL B 38 20.58 1.02 9.81
N ASP B 39 21.12 0.80 11.00
CA ASP B 39 20.43 1.03 12.26
C ASP B 39 21.37 1.82 13.18
N LEU B 40 20.88 2.91 13.75
CA LEU B 40 21.63 3.66 14.75
C LEU B 40 21.29 3.11 16.14
N LEU B 41 22.32 2.91 16.96
CA LEU B 41 22.18 2.27 18.25
C LEU B 41 22.50 3.24 19.38
N LYS B 42 21.83 3.05 20.51
CA LYS B 42 22.10 3.81 21.73
C LYS B 42 22.25 2.81 22.87
N ASN B 43 23.47 2.68 23.37
CA ASN B 43 23.83 1.71 24.40
C ASN B 43 23.51 0.28 24.00
N GLY B 44 23.46 -0.01 22.70
CA GLY B 44 23.19 -1.33 22.20
C GLY B 44 21.80 -1.52 21.63
N GLU B 45 20.84 -0.69 22.02
CA GLU B 45 19.47 -0.82 21.54
C GLU B 45 19.23 0.08 20.33
N ARG B 46 18.37 -0.41 19.43
CA ARG B 46 18.09 0.32 18.20
C ARG B 46 17.23 1.54 18.49
N ILE B 47 17.56 2.66 17.84
CA ILE B 47 16.75 3.87 17.89
C ILE B 47 15.74 3.79 16.75
N GLU B 48 14.45 3.93 17.10
CA GLU B 48 13.38 3.76 16.12
C GLU B 48 13.04 5.03 15.36
N LYS B 49 13.42 6.20 15.87
CA LYS B 49 13.16 7.48 15.21
C LYS B 49 14.40 7.87 14.42
N VAL B 50 14.56 7.25 13.25
CA VAL B 50 15.75 7.43 12.42
C VAL B 50 15.33 7.68 10.98
N GLU B 51 15.76 8.81 10.42
CA GLU B 51 15.50 9.16 9.04
C GLU B 51 16.74 8.95 8.19
N HIS B 52 16.55 8.84 6.88
CA HIS B 52 17.66 8.70 5.96
C HIS B 52 17.38 9.51 4.70
N SER B 53 18.47 9.81 3.98
CA SER B 53 18.40 10.63 2.79
C SER B 53 17.93 9.81 1.60
N ASP B 54 17.88 10.46 0.44
CA ASP B 54 17.44 9.81 -0.78
C ASP B 54 18.62 9.17 -1.50
N LEU B 55 18.39 7.97 -2.04
CA LEU B 55 19.46 7.18 -2.63
C LEU B 55 20.09 7.91 -3.81
N SER B 56 21.41 8.02 -3.79
CA SER B 56 22.15 8.66 -4.87
C SER B 56 23.48 7.93 -5.02
N PHE B 57 24.14 8.13 -6.17
CA PHE B 57 25.37 7.42 -6.45
C PHE B 57 26.44 8.36 -6.98
N SER B 58 27.69 7.91 -6.90
CA SER B 58 28.85 8.70 -7.27
C SER B 58 29.25 8.44 -8.72
N LYS B 59 30.34 9.09 -9.12
CA LYS B 59 30.84 8.96 -10.49
C LYS B 59 31.16 7.51 -10.84
N ASP B 60 31.58 6.71 -9.87
CA ASP B 60 31.89 5.31 -10.09
C ASP B 60 30.68 4.38 -9.92
N TRP B 61 29.48 4.96 -9.90
CA TRP B 61 28.19 4.27 -9.77
C TRP B 61 27.93 3.71 -8.38
N SER B 62 28.84 3.89 -7.43
CA SER B 62 28.61 3.39 -6.08
C SER B 62 27.61 4.29 -5.36
N PHE B 63 26.79 3.68 -4.51
CA PHE B 63 25.71 4.40 -3.83
C PHE B 63 26.20 5.03 -2.54
N TYR B 64 25.48 6.07 -2.10
CA TYR B 64 25.76 6.68 -0.81
C TYR B 64 24.45 7.16 -0.18
N LEU B 65 24.36 7.01 1.14
CA LEU B 65 23.18 7.37 1.93
C LEU B 65 23.61 7.99 3.24
N LEU B 66 22.72 8.80 3.81
CA LEU B 66 22.96 9.42 5.12
C LEU B 66 21.79 9.09 6.03
N TYR B 67 22.09 8.42 7.14
CA TYR B 67 21.11 8.16 8.18
C TYR B 67 21.37 9.09 9.36
N TYR B 68 20.29 9.61 9.95
CA TYR B 68 20.46 10.59 11.01
C TYR B 68 19.26 10.56 11.96
N THR B 69 19.50 11.07 13.16
CA THR B 69 18.46 11.20 14.18
C THR B 69 18.87 12.31 15.13
N GLU B 70 17.89 12.82 15.88
CA GLU B 70 18.16 13.84 16.89
C GLU B 70 18.49 13.16 18.21
N PHE B 71 19.59 13.59 18.83
CA PHE B 71 20.00 13.03 20.12
C PHE B 71 20.67 14.09 20.95
N THR B 72 20.75 13.83 22.25
CA THR B 72 21.45 14.70 23.19
C THR B 72 22.63 13.96 23.77
N PRO B 73 23.87 14.32 23.41
CA PRO B 73 25.03 13.58 23.91
C PRO B 73 25.18 13.75 25.41
N THR B 74 25.60 12.67 26.07
CA THR B 74 25.99 12.69 27.47
C THR B 74 27.42 12.18 27.59
N GLU B 75 27.94 12.20 28.82
CA GLU B 75 29.30 11.73 29.06
C GLU B 75 29.37 10.22 29.23
N LYS B 76 28.24 9.53 29.34
CA LYS B 76 28.23 8.10 29.62
C LYS B 76 27.44 7.26 28.62
N ASP B 77 26.68 7.87 27.71
CA ASP B 77 25.94 7.12 26.70
C ASP B 77 26.84 6.83 25.50
N GLU B 78 26.87 5.58 25.08
CA GLU B 78 27.64 5.16 23.91
C GLU B 78 26.70 5.02 22.72
N TYR B 79 27.11 5.58 21.58
CA TYR B 79 26.31 5.54 20.37
C TYR B 79 27.09 4.87 19.25
N ALA B 80 26.36 4.19 18.37
CA ALA B 80 26.96 3.51 17.22
C ALA B 80 25.88 3.25 16.18
N CYS B 81 26.30 3.02 14.95
CA CYS B 81 25.38 2.52 13.93
C CYS B 81 25.85 1.16 13.44
N ARG B 82 24.90 0.30 13.14
CA ARG B 82 25.14 -1.05 12.66
C ARG B 82 24.73 -1.11 11.19
N VAL B 83 25.63 -1.59 10.35
CA VAL B 83 25.42 -1.62 8.91
C VAL B 83 25.45 -3.06 8.44
N ASN B 84 24.48 -3.43 7.62
CA ASN B 84 24.40 -4.77 7.05
C ASN B 84 24.28 -4.66 5.53
N HIS B 85 25.02 -5.52 4.83
CA HIS B 85 25.11 -5.47 3.38
C HIS B 85 25.43 -6.87 2.89
N VAL B 86 25.16 -7.11 1.60
CA VAL B 86 25.38 -8.44 1.04
C VAL B 86 26.85 -8.82 1.07
N THR B 87 27.75 -7.83 1.10
CA THR B 87 29.18 -8.08 1.14
C THR B 87 29.71 -8.22 2.56
N LEU B 88 28.84 -8.19 3.56
CA LEU B 88 29.21 -8.31 4.97
C LEU B 88 28.77 -9.68 5.48
N SER B 89 29.74 -10.45 6.01
CA SER B 89 29.40 -11.75 6.59
C SER B 89 28.53 -11.59 7.83
N GLN B 90 28.81 -10.58 8.64
CA GLN B 90 28.00 -10.24 9.80
C GLN B 90 27.84 -8.73 9.82
N PRO B 91 26.80 -8.22 10.48
CA PRO B 91 26.63 -6.76 10.57
C PRO B 91 27.83 -6.09 11.21
N LYS B 92 28.32 -5.04 10.56
CA LYS B 92 29.45 -4.27 11.07
C LYS B 92 28.93 -3.14 11.94
N ILE B 93 29.53 -2.99 13.13
CA ILE B 93 29.15 -1.95 14.08
C ILE B 93 30.32 -1.00 14.25
N VAL B 94 30.07 0.29 14.07
CA VAL B 94 31.09 1.32 14.21
C VAL B 94 30.68 2.25 15.34
N LYS B 95 31.48 2.29 16.39
CA LYS B 95 31.20 3.14 17.53
C LYS B 95 31.43 4.61 17.17
N TRP B 96 30.69 5.49 17.84
CA TRP B 96 30.83 6.92 17.61
C TRP B 96 31.95 7.48 18.47
N ASP B 97 32.89 8.18 17.84
CA ASP B 97 33.99 8.83 18.52
C ASP B 97 33.82 10.35 18.38
N ARG B 98 33.67 11.03 19.51
CA ARG B 98 33.46 12.48 19.48
C ARG B 98 34.63 13.20 18.83
N ASP B 99 35.84 12.63 18.93
CA ASP B 99 37.03 13.22 18.33
C ASP B 99 37.19 12.87 16.85
N MET B 100 36.17 12.28 16.23
CA MET B 100 36.23 11.89 14.81
C MET B 100 34.92 12.15 14.07
N GLN C 2 -46.39 -1.05 -10.76
CA GLN C 2 -45.87 -2.40 -10.58
C GLN C 2 -44.66 -2.68 -11.46
N LYS C 3 -44.26 -3.95 -11.53
CA LYS C 3 -43.10 -4.36 -12.33
C LYS C 3 -43.43 -5.66 -13.05
N GLU C 4 -42.56 -6.02 -13.99
CA GLU C 4 -42.78 -7.23 -14.78
C GLU C 4 -42.68 -8.48 -13.91
N VAL C 5 -41.73 -8.53 -12.99
CA VAL C 5 -41.54 -9.65 -12.09
C VAL C 5 -41.63 -9.13 -10.67
N GLU C 6 -42.45 -9.77 -9.84
CA GLU C 6 -42.66 -9.33 -8.48
C GLU C 6 -42.55 -10.50 -7.51
N GLN C 7 -41.82 -10.28 -6.42
CA GLN C 7 -41.72 -11.23 -5.33
C GLN C 7 -41.55 -10.45 -4.05
N ASN C 8 -42.25 -10.87 -2.99
CA ASN C 8 -42.13 -10.19 -1.70
C ASN C 8 -40.70 -10.30 -1.20
N SER C 9 -39.99 -9.16 -1.16
CA SER C 9 -38.60 -9.16 -0.74
C SER C 9 -38.42 -9.26 0.76
N GLY C 10 -39.51 -9.18 1.53
CA GLY C 10 -39.45 -9.27 2.96
C GLY C 10 -38.71 -10.50 3.42
N PRO C 11 -37.90 -10.35 4.48
CA PRO C 11 -37.10 -11.49 4.96
C PRO C 11 -38.00 -12.65 5.39
N LEU C 12 -37.77 -13.80 4.77
CA LEU C 12 -38.51 -15.02 5.07
C LEU C 12 -37.63 -15.93 5.90
N SER C 13 -38.15 -16.38 7.05
CA SER C 13 -37.41 -17.25 7.95
C SER C 13 -38.14 -18.59 8.05
N VAL C 14 -37.38 -19.68 7.94
CA VAL C 14 -37.95 -21.02 7.99
C VAL C 14 -37.12 -21.89 8.91
N PRO C 15 -37.73 -22.77 9.71
CA PRO C 15 -36.95 -23.65 10.59
C PRO C 15 -36.12 -24.64 9.78
N GLU C 16 -34.91 -24.90 10.25
CA GLU C 16 -34.01 -25.80 9.54
C GLU C 16 -34.61 -27.21 9.48
N GLY C 17 -34.37 -27.89 8.36
CA GLY C 17 -34.95 -29.19 8.13
C GLY C 17 -36.35 -29.18 7.57
N ALA C 18 -37.01 -28.03 7.52
CA ALA C 18 -38.38 -27.93 7.04
C ALA C 18 -38.39 -27.52 5.57
N ILE C 19 -39.58 -27.25 5.04
CA ILE C 19 -39.76 -26.88 3.63
C ILE C 19 -39.71 -25.36 3.52
N ALA C 20 -38.94 -24.86 2.56
CA ALA C 20 -38.87 -23.43 2.26
C ALA C 20 -39.42 -23.20 0.87
N SER C 21 -40.48 -22.40 0.77
CA SER C 21 -41.14 -22.10 -0.49
C SER C 21 -41.05 -20.61 -0.78
N LEU C 22 -40.61 -20.28 -1.99
CA LEU C 22 -40.48 -18.90 -2.44
C LEU C 22 -41.38 -18.68 -3.64
N ASN C 23 -42.26 -17.69 -3.57
CA ASN C 23 -43.24 -17.42 -4.61
C ASN C 23 -42.76 -16.28 -5.51
N CYS C 24 -43.33 -16.25 -6.71
CA CYS C 24 -42.99 -15.23 -7.70
C CYS C 24 -44.14 -15.12 -8.67
N THR C 25 -44.58 -13.88 -8.95
CA THR C 25 -45.61 -13.62 -9.94
C THR C 25 -45.09 -12.65 -10.98
N TYR C 26 -45.57 -12.80 -12.22
CA TYR C 26 -45.08 -12.00 -13.33
C TYR C 26 -46.23 -11.54 -14.20
N SER C 27 -45.99 -10.48 -14.96
CA SER C 27 -46.90 -10.02 -16.00
C SER C 27 -46.46 -10.62 -17.33
N ASP C 28 -47.37 -11.36 -17.98
CA ASP C 28 -46.99 -12.08 -19.19
C ASP C 28 -46.56 -11.11 -20.28
N ARG C 29 -45.34 -11.30 -20.79
CA ARG C 29 -44.78 -10.54 -21.91
C ARG C 29 -44.29 -11.50 -22.99
N GLY C 30 -45.13 -12.46 -23.35
CA GLY C 30 -44.66 -13.60 -24.11
C GLY C 30 -43.72 -14.43 -23.26
N SER C 31 -44.06 -14.63 -21.99
CA SER C 31 -43.14 -15.23 -21.03
C SER C 31 -43.12 -16.74 -21.22
N GLN C 32 -41.92 -17.29 -21.44
CA GLN C 32 -41.80 -18.66 -21.88
C GLN C 32 -40.80 -19.43 -21.04
N SER C 33 -39.85 -18.71 -20.43
CA SER C 33 -38.77 -19.33 -19.66
C SER C 33 -38.68 -18.67 -18.29
N PHE C 34 -38.50 -19.48 -17.26
CA PHE C 34 -38.52 -19.03 -15.87
C PHE C 34 -37.35 -19.65 -15.13
N PHE C 35 -36.64 -18.82 -14.37
CA PHE C 35 -35.38 -19.21 -13.75
C PHE C 35 -35.34 -18.75 -12.31
N TRP C 36 -34.53 -19.46 -11.52
CA TRP C 36 -34.25 -19.06 -10.15
C TRP C 36 -32.74 -18.88 -10.00
N TYR C 37 -32.34 -17.75 -9.43
CA TYR C 37 -30.96 -17.47 -9.12
C TYR C 37 -30.78 -17.40 -7.60
N ARG C 38 -29.62 -17.86 -7.13
CA ARG C 38 -29.23 -17.71 -5.74
C ARG C 38 -28.10 -16.69 -5.65
N GLN C 39 -28.11 -15.89 -4.59
CA GLN C 39 -27.08 -14.87 -4.39
C GLN C 39 -26.77 -14.75 -2.91
N TYR C 40 -25.53 -15.05 -2.54
CA TYR C 40 -25.04 -14.85 -1.19
C TYR C 40 -24.59 -13.40 -1.00
N SER C 41 -24.39 -13.02 0.26
CA SER C 41 -23.91 -11.68 0.57
C SER C 41 -22.58 -11.41 -0.12
N GLY C 42 -22.52 -10.29 -0.84
CA GLY C 42 -21.29 -9.89 -1.51
C GLY C 42 -20.87 -10.76 -2.67
N LYS C 43 -21.74 -11.65 -3.13
CA LYS C 43 -21.44 -12.54 -4.25
C LYS C 43 -22.35 -12.24 -5.42
N SER C 44 -22.07 -12.88 -6.53
CA SER C 44 -22.82 -12.69 -7.76
C SER C 44 -23.93 -13.72 -7.89
N PRO C 45 -24.99 -13.40 -8.65
CA PRO C 45 -26.12 -14.35 -8.77
C PRO C 45 -25.72 -15.62 -9.49
N GLU C 46 -26.17 -16.75 -8.94
CA GLU C 46 -25.84 -18.08 -9.43
C GLU C 46 -27.12 -18.77 -9.90
N LEU C 47 -27.11 -19.23 -11.15
CA LEU C 47 -28.28 -19.94 -11.67
C LEU C 47 -28.38 -21.32 -11.05
N ILE C 48 -29.54 -21.62 -10.46
CA ILE C 48 -29.75 -22.90 -9.78
C ILE C 48 -30.92 -23.67 -10.34
N MET C 49 -31.84 -23.05 -11.07
CA MET C 49 -33.05 -23.74 -11.46
C MET C 49 -33.63 -23.09 -12.72
N SER C 50 -34.22 -23.92 -13.56
CA SER C 50 -34.80 -23.45 -14.82
C SER C 50 -35.97 -24.35 -15.19
N ILE C 51 -37.09 -23.74 -15.55
CA ILE C 51 -38.31 -24.48 -15.84
C ILE C 51 -38.99 -23.87 -17.07
N TYR C 52 -39.65 -24.72 -17.86
CA TYR C 52 -40.21 -24.31 -19.13
C TYR C 52 -41.63 -24.81 -19.39
N SER C 53 -42.13 -25.77 -18.64
CA SER C 53 -43.47 -26.28 -18.82
C SER C 53 -44.15 -26.40 -17.46
N ASN C 54 -45.48 -26.31 -17.45
CA ASN C 54 -46.24 -26.32 -16.22
C ASN C 54 -46.01 -27.62 -15.46
N GLY C 55 -46.03 -27.53 -14.13
CA GLY C 55 -45.77 -28.68 -13.30
C GLY C 55 -44.58 -28.50 -12.37
N ASP C 56 -44.07 -29.60 -11.80
CA ASP C 56 -42.97 -29.55 -10.86
C ASP C 56 -41.71 -30.11 -11.49
N LYS C 57 -40.59 -29.42 -11.29
CA LYS C 57 -39.28 -29.88 -11.75
C LYS C 57 -38.39 -30.06 -10.53
N GLU C 58 -37.94 -31.29 -10.31
CA GLU C 58 -37.18 -31.65 -9.12
C GLU C 58 -35.70 -31.79 -9.46
N ASP C 59 -34.85 -31.26 -8.57
CA ASP C 59 -33.39 -31.35 -8.74
C ASP C 59 -32.78 -31.33 -7.34
N GLY C 60 -32.46 -32.51 -6.82
CA GLY C 60 -31.93 -32.59 -5.47
C GLY C 60 -32.95 -32.12 -4.46
N ARG C 61 -32.52 -31.26 -3.54
CA ARG C 61 -33.43 -30.69 -2.55
C ARG C 61 -34.26 -29.55 -3.12
N PHE C 62 -34.09 -29.21 -4.39
CA PHE C 62 -34.83 -28.14 -5.04
C PHE C 62 -36.04 -28.71 -5.77
N THR C 63 -37.04 -27.86 -5.95
CA THR C 63 -38.23 -28.22 -6.72
C THR C 63 -38.83 -26.92 -7.27
N ALA C 64 -38.79 -26.76 -8.60
CA ALA C 64 -39.36 -25.59 -9.24
C ALA C 64 -40.77 -25.91 -9.74
N GLN C 65 -41.71 -25.03 -9.42
CA GLN C 65 -43.11 -25.20 -9.80
C GLN C 65 -43.52 -24.04 -10.70
N LEU C 66 -44.18 -24.35 -11.82
CA LEU C 66 -44.62 -23.36 -12.78
C LEU C 66 -46.10 -23.55 -13.07
N ASN C 67 -46.86 -22.46 -13.00
CA ASN C 67 -48.27 -22.44 -13.42
C ASN C 67 -48.47 -21.19 -14.28
N LYS C 68 -48.31 -21.35 -15.60
CA LYS C 68 -48.44 -20.21 -16.51
C LYS C 68 -49.85 -19.63 -16.47
N ALA C 69 -50.86 -20.46 -16.24
CA ALA C 69 -52.23 -19.97 -16.23
C ALA C 69 -52.41 -18.88 -15.18
N SER C 70 -51.83 -19.07 -14.00
CA SER C 70 -51.93 -18.11 -12.91
C SER C 70 -50.74 -17.16 -12.85
N GLN C 71 -49.78 -17.29 -13.76
CA GLN C 71 -48.59 -16.45 -13.80
C GLN C 71 -47.83 -16.51 -12.47
N TYR C 72 -47.40 -17.73 -12.14
CA TYR C 72 -46.86 -18.03 -10.81
C TYR C 72 -45.70 -19.01 -10.96
N VAL C 73 -44.52 -18.60 -10.50
CA VAL C 73 -43.36 -19.48 -10.42
C VAL C 73 -42.94 -19.55 -8.96
N SER C 74 -42.63 -20.75 -8.49
CA SER C 74 -42.22 -20.93 -7.10
C SER C 74 -41.02 -21.85 -7.04
N LEU C 75 -40.37 -21.84 -5.88
CA LEU C 75 -39.20 -22.69 -5.63
C LEU C 75 -39.36 -23.28 -4.24
N LEU C 76 -39.24 -24.60 -4.13
CA LEU C 76 -39.36 -25.32 -2.87
C LEU C 76 -38.03 -25.93 -2.51
N ILE C 77 -37.56 -25.66 -1.30
CA ILE C 77 -36.29 -26.18 -0.80
C ILE C 77 -36.61 -27.23 0.26
N ARG C 78 -36.25 -28.48 -0.02
CA ARG C 78 -36.43 -29.57 0.93
C ARG C 78 -35.24 -29.62 1.88
N ASP C 79 -35.51 -29.94 3.15
CA ASP C 79 -34.47 -30.12 4.16
C ASP C 79 -33.58 -28.87 4.26
N SER C 80 -34.21 -27.79 4.71
CA SER C 80 -33.54 -26.50 4.82
C SER C 80 -32.27 -26.60 5.65
N GLN C 81 -31.16 -26.20 5.07
CA GLN C 81 -29.84 -26.25 5.67
C GLN C 81 -29.30 -24.84 5.86
N PRO C 82 -28.30 -24.66 6.74
CA PRO C 82 -27.73 -23.31 6.92
C PRO C 82 -27.16 -22.70 5.66
N SER C 83 -26.62 -23.52 4.75
CA SER C 83 -26.06 -23.00 3.50
C SER C 83 -27.11 -22.44 2.57
N ASP C 84 -28.39 -22.68 2.82
CA ASP C 84 -29.47 -22.18 1.97
C ASP C 84 -29.83 -20.73 2.25
N SER C 85 -29.28 -20.14 3.31
CA SER C 85 -29.58 -18.74 3.64
C SER C 85 -28.92 -17.82 2.63
N ALA C 86 -29.73 -17.16 1.80
CA ALA C 86 -29.26 -16.29 0.73
C ALA C 86 -30.45 -15.52 0.19
N THR C 87 -30.21 -14.74 -0.87
CA THR C 87 -31.28 -14.05 -1.59
C THR C 87 -31.53 -14.79 -2.89
N TYR C 88 -32.80 -15.13 -3.15
CA TYR C 88 -33.18 -15.88 -4.33
C TYR C 88 -33.90 -14.95 -5.30
N LEU C 89 -33.36 -14.83 -6.52
CA LEU C 89 -33.90 -13.94 -7.53
C LEU C 89 -34.72 -14.71 -8.54
N CYS C 90 -35.93 -14.23 -8.81
CA CYS C 90 -36.80 -14.78 -9.83
C CYS C 90 -36.53 -14.08 -11.16
N ALA C 91 -36.38 -14.86 -12.23
CA ALA C 91 -36.14 -14.32 -13.56
C ALA C 91 -37.14 -14.88 -14.54
N VAL C 92 -37.69 -14.02 -15.38
CA VAL C 92 -38.69 -14.40 -16.38
C VAL C 92 -38.35 -13.69 -17.69
N ASN C 93 -38.28 -14.45 -18.77
CA ASN C 93 -37.93 -13.87 -20.07
C ASN C 93 -39.18 -13.27 -20.71
N ALA C 94 -39.01 -12.68 -21.89
CA ALA C 94 -40.11 -11.96 -22.54
C ALA C 94 -39.86 -11.94 -24.05
N LEU C 95 -40.61 -12.77 -24.78
CA LEU C 95 -40.51 -12.75 -26.23
C LEU C 95 -41.07 -11.47 -26.83
N LEU C 96 -41.99 -10.81 -26.12
CA LEU C 96 -42.41 -9.46 -26.48
C LEU C 96 -41.31 -8.49 -26.07
N GLY C 97 -40.59 -7.95 -27.05
CA GLY C 97 -39.51 -7.03 -26.79
C GLY C 97 -38.14 -7.67 -26.74
N ASN C 98 -38.07 -8.99 -26.66
CA ASN C 98 -36.80 -9.73 -26.61
C ASN C 98 -36.00 -9.33 -25.36
N GLN C 99 -36.65 -9.48 -24.21
CA GLN C 99 -36.14 -9.00 -22.94
C GLN C 99 -35.98 -10.15 -21.94
N PHE C 100 -35.38 -9.82 -20.81
CA PHE C 100 -35.11 -10.77 -19.73
C PHE C 100 -35.18 -9.99 -18.42
N TYR C 101 -36.24 -10.20 -17.64
CA TYR C 101 -36.51 -9.40 -16.45
C TYR C 101 -36.18 -10.17 -15.18
N PHE C 102 -35.61 -9.47 -14.20
CA PHE C 102 -35.31 -10.02 -12.88
C PHE C 102 -36.26 -9.42 -11.84
N GLY C 103 -36.60 -10.23 -10.84
CA GLY C 103 -37.27 -9.70 -9.68
C GLY C 103 -36.30 -9.03 -8.71
N THR C 104 -36.86 -8.35 -7.70
CA THR C 104 -36.00 -7.71 -6.70
C THR C 104 -35.35 -8.73 -5.77
N GLY C 105 -35.86 -9.94 -5.72
CA GLY C 105 -35.24 -10.97 -4.89
C GLY C 105 -35.86 -11.06 -3.51
N THR C 106 -35.86 -12.28 -2.97
CA THR C 106 -36.36 -12.55 -1.62
C THR C 106 -35.21 -13.11 -0.78
N SER C 107 -34.91 -12.45 0.33
CA SER C 107 -33.88 -12.93 1.24
C SER C 107 -34.45 -14.02 2.13
N LEU C 108 -33.80 -15.18 2.12
CA LEU C 108 -34.17 -16.32 2.95
C LEU C 108 -33.09 -16.58 3.98
N THR C 109 -33.52 -16.80 5.23
CA THR C 109 -32.62 -17.21 6.30
C THR C 109 -33.27 -18.35 7.07
N VAL C 110 -32.55 -19.45 7.21
CA VAL C 110 -33.04 -20.59 7.98
C VAL C 110 -32.57 -20.43 9.42
N ILE C 111 -33.47 -20.69 10.36
CA ILE C 111 -33.15 -20.57 11.78
C ILE C 111 -32.77 -21.95 12.30
N PRO C 112 -31.77 -22.04 13.18
CA PRO C 112 -31.37 -23.36 13.72
C PRO C 112 -32.25 -23.74 14.91
N ASN C 113 -32.81 -24.95 14.86
CA ASN C 113 -33.58 -25.49 15.98
C ASN C 113 -32.59 -25.96 17.05
N ILE C 114 -32.13 -25.00 17.85
CA ILE C 114 -31.12 -25.26 18.87
C ILE C 114 -31.85 -25.47 20.19
N GLN C 115 -32.03 -26.73 20.57
CA GLN C 115 -32.62 -27.06 21.86
C GLN C 115 -31.58 -26.80 22.96
N ASN C 116 -32.01 -26.97 24.20
CA ASN C 116 -31.21 -26.62 25.36
C ASN C 116 -30.63 -25.20 25.26
N PRO C 117 -31.47 -24.17 25.17
CA PRO C 117 -30.94 -22.80 25.23
C PRO C 117 -30.54 -22.44 26.65
N ASP C 118 -29.35 -21.85 26.78
CA ASP C 118 -28.81 -21.43 28.08
C ASP C 118 -28.34 -19.98 27.95
N PRO C 119 -29.28 -19.03 27.84
CA PRO C 119 -28.90 -17.65 27.53
C PRO C 119 -28.04 -17.03 28.63
N ALA C 120 -27.11 -16.18 28.22
CA ALA C 120 -26.21 -15.52 29.14
C ALA C 120 -25.55 -14.35 28.42
N VAL C 121 -25.05 -13.40 29.20
CA VAL C 121 -24.35 -12.23 28.68
C VAL C 121 -23.01 -12.15 29.40
N TYR C 122 -21.94 -12.54 28.71
CA TYR C 122 -20.60 -12.56 29.28
C TYR C 122 -19.84 -11.28 28.89
N GLN C 123 -18.79 -11.00 29.65
CA GLN C 123 -17.91 -9.87 29.38
C GLN C 123 -16.52 -10.38 29.04
N LEU C 124 -16.01 -10.02 27.88
CA LEU C 124 -14.71 -10.46 27.39
C LEU C 124 -13.76 -9.27 27.34
N ARG C 125 -12.59 -9.42 27.91
CA ARG C 125 -11.57 -8.39 27.91
C ARG C 125 -10.59 -8.60 26.77
N ASP C 126 -10.06 -7.49 26.25
CA ASP C 126 -9.13 -7.52 25.13
C ASP C 126 -7.86 -8.28 25.51
N SER C 127 -7.20 -8.83 24.49
CA SER C 127 -6.02 -9.66 24.72
C SER C 127 -4.77 -8.82 24.97
N LYS C 128 -4.58 -7.75 24.20
CA LYS C 128 -3.37 -6.94 24.35
C LYS C 128 -3.51 -5.86 25.41
N SER C 129 -4.73 -5.38 25.67
CA SER C 129 -4.96 -4.34 26.67
C SER C 129 -6.21 -4.71 27.46
N SER C 130 -6.06 -4.86 28.78
CA SER C 130 -7.20 -5.24 29.60
C SER C 130 -8.20 -4.10 29.80
N ASP C 131 -7.98 -2.93 29.18
CA ASP C 131 -8.92 -1.82 29.34
C ASP C 131 -10.19 -2.01 28.52
N LYS C 132 -10.03 -2.32 27.24
CA LYS C 132 -11.19 -2.52 26.36
C LYS C 132 -11.90 -3.83 26.68
N SER C 133 -13.21 -3.85 26.43
CA SER C 133 -14.01 -5.05 26.67
C SER C 133 -15.24 -5.02 25.79
N VAL C 134 -15.80 -6.22 25.56
CA VAL C 134 -17.04 -6.39 24.81
C VAL C 134 -17.94 -7.34 25.58
N CYS C 135 -19.25 -7.21 25.33
CA CYS C 135 -20.25 -8.09 25.94
C CYS C 135 -20.76 -9.06 24.88
N LEU C 136 -20.97 -10.30 25.31
CA LEU C 136 -21.37 -11.38 24.40
C LEU C 136 -22.68 -11.98 24.90
N PHE C 137 -23.74 -11.78 24.12
CA PHE C 137 -25.03 -12.40 24.37
C PHE C 137 -25.12 -13.64 23.50
N THR C 138 -25.20 -14.82 24.11
CA THR C 138 -25.15 -16.06 23.35
C THR C 138 -26.03 -17.12 23.99
N ASP C 139 -26.18 -18.23 23.26
CA ASP C 139 -26.87 -19.44 23.72
C ASP C 139 -28.37 -19.19 23.95
N PHE C 140 -28.98 -18.42 23.07
CA PHE C 140 -30.41 -18.14 23.15
C PHE C 140 -31.13 -18.76 21.96
N ASP C 141 -32.42 -19.00 22.13
CA ASP C 141 -33.22 -19.63 21.08
C ASP C 141 -33.42 -18.68 19.92
N SER C 142 -33.81 -19.24 18.78
CA SER C 142 -33.95 -18.46 17.56
C SER C 142 -35.12 -17.48 17.62
N GLN C 143 -36.07 -17.68 18.53
CA GLN C 143 -37.19 -16.75 18.65
C GLN C 143 -36.79 -15.43 19.34
N THR C 144 -35.52 -15.25 19.65
CA THR C 144 -35.04 -14.00 20.25
C THR C 144 -34.53 -13.07 19.15
N ASN C 145 -34.90 -11.80 19.24
CA ASN C 145 -34.47 -10.79 18.29
C ASN C 145 -33.62 -9.74 18.98
N VAL C 146 -32.60 -9.25 18.28
CA VAL C 146 -31.67 -8.27 18.80
C VAL C 146 -31.94 -6.93 18.13
N SER C 147 -32.14 -5.89 18.93
CA SER C 147 -32.42 -4.55 18.44
C SER C 147 -31.18 -3.68 18.59
N GLN C 148 -30.92 -2.85 17.58
CA GLN C 148 -29.76 -1.98 17.62
C GLN C 148 -29.94 -0.89 18.67
N SER C 149 -28.81 -0.33 19.10
CA SER C 149 -28.81 0.66 20.16
C SER C 149 -29.17 2.04 19.63
N LYS C 150 -29.85 2.82 20.47
CA LYS C 150 -30.20 4.20 20.15
C LYS C 150 -29.14 5.19 20.60
N ASP C 151 -28.06 4.73 21.24
CA ASP C 151 -26.94 5.57 21.62
C ASP C 151 -25.85 5.46 20.57
N SER C 152 -25.41 6.61 20.04
CA SER C 152 -24.35 6.60 19.04
C SER C 152 -23.03 6.10 19.60
N ASP C 153 -22.88 6.07 20.92
CA ASP C 153 -21.66 5.58 21.56
C ASP C 153 -21.66 4.06 21.75
N VAL C 154 -22.79 3.39 21.59
CA VAL C 154 -22.92 1.96 21.82
C VAL C 154 -23.30 1.29 20.51
N TYR C 155 -22.55 0.27 20.13
CA TYR C 155 -22.81 -0.50 18.92
C TYR C 155 -23.25 -1.90 19.28
N ILE C 156 -24.24 -2.41 18.55
CA ILE C 156 -24.80 -3.74 18.78
C ILE C 156 -24.97 -4.43 17.43
N THR C 157 -24.50 -5.67 17.34
CA THR C 157 -24.58 -6.46 16.12
C THR C 157 -25.80 -7.36 16.14
N ASP C 158 -26.15 -7.89 14.97
CA ASP C 158 -27.27 -8.81 14.84
C ASP C 158 -26.87 -10.21 15.29
N LYS C 159 -27.87 -11.05 15.52
CA LYS C 159 -27.60 -12.43 15.90
C LYS C 159 -26.97 -13.19 14.73
N CYS C 160 -26.14 -14.17 15.08
CA CYS C 160 -25.37 -14.91 14.09
C CYS C 160 -25.04 -16.28 14.66
N VAL C 161 -25.21 -17.31 13.83
CA VAL C 161 -25.15 -18.70 14.27
C VAL C 161 -23.80 -19.30 13.93
N LEU C 162 -23.23 -20.02 14.89
CA LEU C 162 -21.99 -20.77 14.67
C LEU C 162 -22.27 -22.25 14.84
N ASP C 163 -21.52 -23.07 14.09
CA ASP C 163 -21.74 -24.51 14.01
C ASP C 163 -20.43 -25.22 14.39
N MET C 164 -20.36 -25.69 15.63
CA MET C 164 -19.25 -26.51 16.06
C MET C 164 -19.43 -27.94 15.54
N ARG C 165 -18.35 -28.52 15.03
CA ARG C 165 -18.41 -29.86 14.44
C ARG C 165 -17.78 -30.94 15.30
N SER C 166 -16.93 -30.57 16.28
CA SER C 166 -16.42 -31.55 17.22
C SER C 166 -17.55 -32.20 18.00
N MET C 167 -18.44 -31.38 18.58
CA MET C 167 -19.70 -31.83 19.13
C MET C 167 -20.82 -31.26 18.27
N ASP C 168 -21.92 -32.00 18.17
CA ASP C 168 -23.05 -31.57 17.35
C ASP C 168 -23.77 -30.44 18.08
N PHE C 169 -23.19 -29.24 17.98
CA PHE C 169 -23.64 -28.08 18.73
C PHE C 169 -23.70 -26.85 17.84
N LYS C 170 -24.80 -26.10 17.96
CA LYS C 170 -24.99 -24.83 17.27
C LYS C 170 -25.51 -23.81 18.27
N SER C 171 -25.18 -22.54 18.05
CA SER C 171 -25.55 -21.51 19.00
C SER C 171 -25.62 -20.16 18.31
N ASN C 172 -26.51 -19.31 18.81
CA ASN C 172 -26.58 -17.91 18.41
C ASN C 172 -25.68 -17.06 19.28
N SER C 173 -25.34 -15.88 18.77
CA SER C 173 -24.49 -14.95 19.50
C SER C 173 -24.66 -13.56 18.92
N ALA C 174 -24.49 -12.56 19.77
CA ALA C 174 -24.55 -11.17 19.36
C ALA C 174 -23.60 -10.39 20.26
N VAL C 175 -22.92 -9.40 19.67
CA VAL C 175 -21.88 -8.65 20.36
C VAL C 175 -22.32 -7.20 20.50
N ALA C 176 -21.95 -6.58 21.61
CA ALA C 176 -22.17 -5.16 21.84
C ALA C 176 -20.95 -4.59 22.53
N TRP C 177 -20.62 -3.33 22.23
CA TRP C 177 -19.47 -2.69 22.85
C TRP C 177 -19.63 -1.18 22.77
N SER C 178 -18.80 -0.49 23.54
CA SER C 178 -18.84 0.97 23.64
C SER C 178 -17.51 1.46 24.19
N ASN C 179 -17.19 2.72 23.89
CA ASN C 179 -15.97 3.34 24.37
C ASN C 179 -16.21 4.29 25.54
N LYS C 180 -17.42 4.32 26.09
CA LYS C 180 -17.70 5.23 27.20
C LYS C 180 -17.00 4.83 28.49
N SER C 181 -16.70 3.53 28.64
CA SER C 181 -16.09 2.90 29.81
C SER C 181 -16.97 2.97 31.05
N ASP C 182 -18.13 3.64 30.98
CA ASP C 182 -19.15 3.57 32.01
C ASP C 182 -20.30 2.67 31.58
N PHE C 183 -20.16 2.00 30.44
CA PHE C 183 -21.17 1.11 29.90
C PHE C 183 -20.92 -0.31 30.39
N ALA C 184 -21.95 -0.95 30.93
CA ALA C 184 -21.84 -2.28 31.50
C ALA C 184 -22.64 -3.27 30.66
N CYS C 185 -22.39 -4.55 30.89
CA CYS C 185 -23.07 -5.60 30.13
C CYS C 185 -24.51 -5.81 30.59
N ALA C 186 -24.89 -5.30 31.76
CA ALA C 186 -26.27 -5.44 32.21
C ALA C 186 -27.21 -4.55 31.41
N ASN C 187 -26.81 -3.28 31.19
CA ASN C 187 -27.63 -2.34 30.43
C ASN C 187 -27.26 -2.31 28.95
N ALA C 188 -26.63 -3.37 28.43
CA ALA C 188 -26.23 -3.39 27.04
C ALA C 188 -27.41 -3.72 26.14
N PHE C 189 -28.09 -4.84 26.40
CA PHE C 189 -29.16 -5.34 25.55
C PHE C 189 -30.54 -5.00 26.09
N ASN C 190 -30.67 -3.85 26.77
CA ASN C 190 -31.98 -3.43 27.27
C ASN C 190 -32.92 -3.03 26.14
N ASN C 191 -32.40 -2.69 24.96
CA ASN C 191 -33.28 -2.27 23.87
C ASN C 191 -34.01 -3.47 23.27
N SER C 192 -33.45 -4.67 23.41
CA SER C 192 -34.01 -5.87 22.82
C SER C 192 -34.81 -6.66 23.85
N ILE C 193 -35.71 -7.50 23.35
CA ILE C 193 -36.51 -8.36 24.21
C ILE C 193 -35.62 -9.51 24.67
N ILE C 194 -35.28 -9.52 25.96
CA ILE C 194 -34.36 -10.50 26.52
C ILE C 194 -35.16 -11.52 27.31
N PRO C 195 -34.87 -12.82 27.17
CA PRO C 195 -35.59 -13.82 27.96
C PRO C 195 -35.38 -13.63 29.45
N GLU C 196 -36.37 -14.06 30.24
CA GLU C 196 -36.42 -13.76 31.66
C GLU C 196 -35.38 -14.53 32.48
N ASP C 197 -34.75 -15.55 31.91
CA ASP C 197 -33.82 -16.40 32.64
C ASP C 197 -32.41 -16.31 32.07
N THR C 198 -31.97 -15.09 31.76
CA THR C 198 -30.62 -14.85 31.26
C THR C 198 -29.65 -14.67 32.42
N PHE C 199 -28.58 -15.45 32.40
CA PHE C 199 -27.57 -15.39 33.45
C PHE C 199 -26.65 -14.19 33.24
N PHE C 200 -26.35 -13.48 34.33
CA PHE C 200 -25.48 -12.31 34.31
C PHE C 200 -24.38 -12.52 35.33
N PRO C 201 -23.11 -12.58 34.94
CA PRO C 201 -22.02 -12.71 35.92
C PRO C 201 -21.86 -11.43 36.73
N SER C 202 -21.05 -11.54 37.77
CA SER C 202 -20.79 -10.41 38.66
C SER C 202 -20.02 -9.30 37.94
N GLY D 2 -14.88 -18.55 -17.99
CA GLY D 2 -16.23 -18.22 -18.45
C GLY D 2 -16.39 -16.74 -18.72
N ILE D 3 -16.72 -15.99 -17.68
CA ILE D 3 -16.88 -14.54 -17.78
C ILE D 3 -16.22 -13.91 -16.56
N THR D 4 -15.40 -12.88 -16.79
CA THR D 4 -14.63 -12.23 -15.74
C THR D 4 -14.78 -10.72 -15.84
N GLN D 5 -14.60 -10.05 -14.71
CA GLN D 5 -14.59 -8.59 -14.67
C GLN D 5 -13.58 -8.11 -13.64
N SER D 6 -12.77 -7.12 -14.01
CA SER D 6 -11.73 -6.62 -13.14
C SER D 6 -11.89 -5.11 -12.94
N PRO D 7 -11.50 -4.58 -11.78
CA PRO D 7 -10.98 -5.32 -10.61
C PRO D 7 -12.08 -5.73 -9.65
N LYS D 8 -11.76 -6.60 -8.68
CA LYS D 8 -12.77 -7.02 -7.72
C LYS D 8 -13.19 -5.88 -6.81
N TYR D 9 -12.26 -5.00 -6.46
CA TYR D 9 -12.52 -3.82 -5.65
C TYR D 9 -11.89 -2.63 -6.33
N LEU D 10 -12.64 -1.54 -6.46
CA LEU D 10 -12.13 -0.32 -7.04
C LEU D 10 -12.43 0.83 -6.09
N PHE D 11 -11.53 1.81 -6.07
CA PHE D 11 -11.68 2.97 -5.19
C PHE D 11 -11.09 4.19 -5.88
N ARG D 12 -11.93 5.17 -6.16
CA ARG D 12 -11.52 6.36 -6.90
C ARG D 12 -12.11 7.60 -6.24
N LYS D 13 -11.62 8.76 -6.69
CA LYS D 13 -12.08 10.06 -6.22
C LYS D 13 -13.06 10.64 -7.24
N GLU D 14 -14.10 11.30 -6.73
CA GLU D 14 -15.11 11.85 -7.63
C GLU D 14 -14.54 12.98 -8.46
N GLY D 15 -15.06 13.11 -9.68
CA GLY D 15 -14.59 14.10 -10.64
C GLY D 15 -13.89 13.52 -11.86
N GLN D 16 -13.56 12.24 -11.88
CA GLN D 16 -12.91 11.63 -13.03
C GLN D 16 -13.68 10.38 -13.44
N ASN D 17 -13.46 9.94 -14.68
CA ASN D 17 -14.11 8.75 -15.20
C ASN D 17 -13.34 7.49 -14.83
N VAL D 18 -14.07 6.39 -14.72
CA VAL D 18 -13.45 5.08 -14.46
C VAL D 18 -13.98 4.09 -15.47
N THR D 19 -13.19 3.05 -15.73
CA THR D 19 -13.53 2.02 -16.70
C THR D 19 -13.60 0.67 -15.99
N LEU D 20 -14.77 0.05 -16.04
CA LEU D 20 -14.98 -1.29 -15.51
C LEU D 20 -14.92 -2.27 -16.67
N SER D 21 -14.01 -3.24 -16.59
CA SER D 21 -13.83 -4.20 -17.66
C SER D 21 -14.76 -5.40 -17.47
N CYS D 22 -15.15 -6.00 -18.60
CA CYS D 22 -15.92 -7.23 -18.58
C CYS D 22 -15.58 -8.02 -19.84
N GLU D 23 -15.23 -9.28 -19.67
CA GLU D 23 -14.83 -10.13 -20.79
C GLU D 23 -15.42 -11.51 -20.60
N GLN D 24 -15.88 -12.11 -21.71
CA GLN D 24 -16.40 -13.48 -21.71
C GLN D 24 -15.96 -14.18 -22.98
N ASN D 25 -15.68 -15.48 -22.87
CA ASN D 25 -15.29 -16.31 -24.01
C ASN D 25 -16.32 -17.40 -24.26
N LEU D 26 -17.58 -17.14 -23.93
CA LEU D 26 -18.67 -18.09 -24.09
C LEU D 26 -19.36 -17.98 -25.45
N ASN D 27 -18.80 -17.19 -26.37
CA ASN D 27 -19.38 -16.97 -27.69
C ASN D 27 -20.79 -16.39 -27.60
N HIS D 28 -21.04 -15.57 -26.59
CA HIS D 28 -22.36 -14.96 -26.37
C HIS D 28 -22.46 -13.62 -27.08
N ASP D 29 -23.59 -13.40 -27.75
CA ASP D 29 -23.82 -12.13 -28.43
C ASP D 29 -24.30 -11.04 -27.47
N ALA D 30 -25.15 -11.40 -26.52
CA ALA D 30 -25.76 -10.43 -25.62
C ALA D 30 -24.91 -10.26 -24.36
N MET D 31 -24.71 -9.02 -23.95
CA MET D 31 -23.96 -8.68 -22.74
C MET D 31 -24.66 -7.56 -22.01
N TYR D 32 -24.65 -7.61 -20.69
CA TYR D 32 -25.45 -6.72 -19.87
C TYR D 32 -24.62 -6.15 -18.74
N TRP D 33 -24.96 -4.93 -18.33
CA TRP D 33 -24.36 -4.28 -17.17
C TRP D 33 -25.46 -3.92 -16.18
N TYR D 34 -25.38 -4.49 -14.98
CA TYR D 34 -26.29 -4.17 -13.89
C TYR D 34 -25.52 -3.51 -12.75
N ARG D 35 -26.23 -2.72 -11.94
CA ARG D 35 -25.73 -2.29 -10.65
C ARG D 35 -26.74 -2.70 -9.58
N GLN D 36 -26.23 -2.84 -8.36
CA GLN D 36 -27.01 -3.35 -7.24
C GLN D 36 -26.64 -2.60 -5.97
N ASP D 37 -27.64 -2.12 -5.26
CA ASP D 37 -27.45 -1.39 -4.02
C ASP D 37 -27.68 -2.29 -2.82
N PRO D 38 -27.11 -1.95 -1.66
CA PRO D 38 -27.31 -2.80 -0.47
C PRO D 38 -28.79 -2.95 -0.13
N GLY D 39 -29.23 -4.20 0.00
CA GLY D 39 -30.61 -4.50 0.29
C GLY D 39 -31.57 -4.30 -0.86
N GLN D 40 -31.06 -4.06 -2.06
CA GLN D 40 -31.88 -3.76 -3.23
C GLN D 40 -31.68 -4.83 -4.29
N GLY D 41 -32.34 -4.65 -5.43
CA GLY D 41 -32.27 -5.59 -6.54
C GLY D 41 -31.32 -5.14 -7.63
N LEU D 42 -31.40 -5.85 -8.76
CA LEU D 42 -30.62 -5.52 -9.93
C LEU D 42 -31.32 -4.45 -10.75
N ARG D 43 -30.53 -3.55 -11.33
CA ARG D 43 -31.06 -2.48 -12.17
C ARG D 43 -30.21 -2.39 -13.44
N LEU D 44 -30.85 -2.49 -14.59
CA LEU D 44 -30.12 -2.53 -15.85
C LEU D 44 -29.58 -1.16 -16.22
N ILE D 45 -28.31 -1.11 -16.60
CA ILE D 45 -27.66 0.13 -17.02
C ILE D 45 -27.58 0.19 -18.53
N TYR D 46 -26.94 -0.80 -19.14
CA TYR D 46 -26.74 -0.85 -20.57
C TYR D 46 -26.74 -2.32 -20.99
N TYR D 47 -26.98 -2.55 -22.28
CA TYR D 47 -26.87 -3.90 -22.80
C TYR D 47 -26.60 -3.83 -24.29
N SER D 48 -26.10 -4.93 -24.83
CA SER D 48 -25.74 -5.01 -26.24
C SER D 48 -26.27 -6.31 -26.81
N GLN D 49 -27.02 -6.22 -27.91
CA GLN D 49 -27.50 -7.43 -28.56
C GLN D 49 -26.42 -8.07 -29.44
N ILE D 50 -25.61 -7.25 -30.11
CA ILE D 50 -24.55 -7.72 -31.00
C ILE D 50 -23.44 -6.68 -31.01
N VAL D 51 -22.32 -7.02 -31.66
CA VAL D 51 -21.19 -6.12 -31.72
C VAL D 51 -21.57 -4.82 -32.44
N ASN D 52 -20.91 -3.73 -32.05
CA ASN D 52 -21.09 -2.39 -32.60
C ASN D 52 -22.47 -1.80 -32.27
N ASP D 53 -23.18 -2.37 -31.30
CA ASP D 53 -24.50 -1.88 -30.93
C ASP D 53 -24.64 -1.94 -29.41
N PHE D 54 -25.47 -1.05 -28.87
CA PHE D 54 -25.80 -1.07 -27.46
C PHE D 54 -27.06 -0.24 -27.25
N GLN D 55 -27.81 -0.58 -26.20
CA GLN D 55 -29.08 0.07 -25.90
C GLN D 55 -29.11 0.52 -24.45
N LYS D 56 -29.63 1.72 -24.22
CA LYS D 56 -29.73 2.24 -22.86
C LYS D 56 -30.70 1.42 -22.03
N GLY D 57 -30.30 1.11 -20.80
CA GLY D 57 -31.19 0.45 -19.86
C GLY D 57 -32.07 1.45 -19.13
N ASP D 58 -32.33 1.21 -17.85
CA ASP D 58 -33.24 2.06 -17.10
C ASP D 58 -32.52 3.20 -16.40
N ILE D 59 -31.25 3.03 -16.05
CA ILE D 59 -30.49 4.04 -15.34
C ILE D 59 -29.24 4.41 -16.12
N ALA D 60 -29.33 4.40 -17.45
CA ALA D 60 -28.16 4.68 -18.28
C ALA D 60 -27.59 6.08 -18.06
N GLU D 61 -28.33 6.98 -17.43
CA GLU D 61 -27.85 8.35 -17.25
C GLU D 61 -26.55 8.36 -16.46
N GLY D 62 -25.52 8.98 -17.03
CA GLY D 62 -24.22 9.06 -16.39
C GLY D 62 -23.26 7.94 -16.74
N TYR D 63 -23.71 6.95 -17.51
CA TYR D 63 -22.88 5.84 -17.95
C TYR D 63 -22.76 5.83 -19.46
N SER D 64 -21.75 5.13 -19.94
CA SER D 64 -21.56 4.92 -21.37
C SER D 64 -20.83 3.60 -21.57
N VAL D 65 -21.12 2.92 -22.68
CA VAL D 65 -20.48 1.65 -23.02
C VAL D 65 -20.05 1.69 -24.48
N SER D 66 -19.20 0.74 -24.84
CA SER D 66 -18.82 0.46 -26.21
C SER D 66 -18.77 -1.03 -26.42
N ARG D 67 -19.04 -1.48 -27.64
CA ARG D 67 -18.88 -2.89 -28.02
C ARG D 67 -18.09 -2.94 -29.33
N GLU D 68 -16.77 -2.86 -29.22
CA GLU D 68 -15.93 -2.95 -30.42
C GLU D 68 -15.66 -4.38 -30.82
N LYS D 69 -15.66 -5.30 -29.86
CA LYS D 69 -15.42 -6.71 -30.11
C LYS D 69 -16.48 -7.52 -29.38
N LYS D 70 -16.61 -8.79 -29.79
CA LYS D 70 -17.69 -9.63 -29.29
C LYS D 70 -17.50 -10.01 -27.83
N GLU D 71 -16.24 -10.09 -27.37
CA GLU D 71 -15.96 -10.62 -26.05
C GLU D 71 -15.81 -9.55 -24.97
N SER D 72 -15.70 -8.28 -25.35
CA SER D 72 -15.43 -7.20 -24.40
C SER D 72 -16.58 -6.22 -24.36
N PHE D 73 -16.91 -5.75 -23.16
CA PHE D 73 -18.01 -4.80 -22.96
C PHE D 73 -17.64 -3.83 -21.84
N PRO D 74 -16.76 -2.87 -22.13
CA PRO D 74 -16.29 -1.96 -21.07
C PRO D 74 -17.33 -0.90 -20.72
N LEU D 75 -17.57 -0.74 -19.42
CA LEU D 75 -18.51 0.24 -18.91
C LEU D 75 -17.74 1.42 -18.32
N THR D 76 -18.15 2.63 -18.67
CA THR D 76 -17.50 3.85 -18.20
C THR D 76 -18.45 4.59 -17.28
N VAL D 77 -17.98 4.90 -16.07
CA VAL D 77 -18.73 5.66 -15.09
C VAL D 77 -18.24 7.10 -15.17
N THR D 78 -19.06 7.97 -15.77
CA THR D 78 -18.67 9.36 -15.95
C THR D 78 -18.99 10.18 -14.72
N SER D 79 -18.45 11.40 -14.69
CA SER D 79 -18.68 12.32 -13.58
C SER D 79 -20.13 12.76 -13.47
N ALA D 80 -20.96 12.48 -14.47
CA ALA D 80 -22.36 12.86 -14.43
C ALA D 80 -23.19 11.96 -13.53
N GLN D 81 -22.73 10.73 -13.27
CA GLN D 81 -23.46 9.83 -12.39
C GLN D 81 -23.42 10.34 -10.96
N LYS D 82 -24.60 10.50 -10.36
CA LYS D 82 -24.71 11.15 -9.06
C LYS D 82 -24.40 10.19 -7.91
N ASN D 83 -24.68 8.90 -8.06
CA ASN D 83 -24.44 7.91 -7.02
C ASN D 83 -23.66 6.74 -7.61
N PRO D 84 -22.37 6.93 -7.89
CA PRO D 84 -21.58 5.86 -8.51
C PRO D 84 -21.31 4.69 -7.59
N THR D 85 -21.33 4.90 -6.27
CA THR D 85 -21.03 3.82 -5.32
C THR D 85 -22.09 2.74 -5.42
N ALA D 86 -21.71 1.57 -5.91
CA ALA D 86 -22.64 0.46 -6.10
C ALA D 86 -21.85 -0.81 -6.37
N PHE D 87 -22.55 -1.94 -6.30
CA PHE D 87 -22.02 -3.23 -6.71
C PHE D 87 -22.38 -3.43 -8.17
N TYR D 88 -21.38 -3.47 -9.05
CA TYR D 88 -21.60 -3.57 -10.50
C TYR D 88 -21.43 -5.01 -10.95
N LEU D 89 -22.40 -5.51 -11.71
CA LEU D 89 -22.42 -6.89 -12.18
C LEU D 89 -22.54 -6.94 -13.69
N CYS D 90 -21.73 -7.79 -14.31
CA CYS D 90 -21.74 -8.01 -15.74
C CYS D 90 -22.26 -9.41 -16.04
N ALA D 91 -23.05 -9.53 -17.10
CA ALA D 91 -23.59 -10.83 -17.48
C ALA D 91 -23.61 -10.95 -18.99
N SER D 92 -23.74 -12.19 -19.47
CA SER D 92 -23.86 -12.47 -20.89
C SER D 92 -24.85 -13.61 -21.10
N SER D 93 -25.38 -13.69 -22.31
CA SER D 93 -26.36 -14.73 -22.65
C SER D 93 -26.31 -14.99 -24.14
N MET D 94 -26.93 -16.09 -24.53
CA MET D 94 -27.05 -16.45 -25.94
C MET D 94 -27.91 -15.45 -26.72
N GLY D 95 -28.91 -14.86 -26.08
CA GLY D 95 -29.80 -13.94 -26.75
C GLY D 95 -30.60 -13.15 -25.75
N GLY D 96 -31.50 -12.31 -26.27
CA GLY D 96 -32.26 -11.42 -25.41
C GLY D 96 -33.15 -12.12 -24.41
N THR D 97 -33.64 -13.31 -24.73
CA THR D 97 -34.60 -14.02 -23.90
C THR D 97 -34.01 -15.23 -23.20
N TYR D 98 -32.70 -15.44 -23.25
CA TYR D 98 -32.10 -16.60 -22.62
C TYR D 98 -31.50 -16.24 -21.26
N GLU D 99 -31.25 -17.27 -20.47
CA GLU D 99 -30.69 -17.07 -19.15
C GLU D 99 -29.32 -16.42 -19.24
N GLN D 100 -29.04 -15.52 -18.30
CA GLN D 100 -27.78 -14.79 -18.27
C GLN D 100 -26.87 -15.38 -17.19
N TYR D 101 -25.57 -15.33 -17.46
CA TYR D 101 -24.54 -15.80 -16.54
C TYR D 101 -23.72 -14.60 -16.10
N PHE D 102 -23.68 -14.35 -14.80
CA PHE D 102 -23.03 -13.17 -14.26
C PHE D 102 -21.54 -13.39 -14.05
N GLY D 103 -20.80 -12.29 -14.06
CA GLY D 103 -19.41 -12.29 -13.69
C GLY D 103 -19.26 -12.18 -12.19
N PRO D 104 -18.02 -12.23 -11.69
CA PRO D 104 -17.82 -12.18 -10.23
C PRO D 104 -18.29 -10.89 -9.59
N GLY D 105 -18.38 -9.80 -10.34
CA GLY D 105 -18.84 -8.54 -9.81
C GLY D 105 -17.70 -7.63 -9.38
N THR D 106 -18.00 -6.34 -9.33
CA THR D 106 -17.04 -5.32 -8.94
C THR D 106 -17.69 -4.37 -7.95
N ARG D 107 -17.02 -4.12 -6.83
CA ARG D 107 -17.50 -3.17 -5.84
C ARG D 107 -16.82 -1.83 -6.09
N LEU D 108 -17.58 -0.86 -6.57
CA LEU D 108 -17.08 0.48 -6.79
C LEU D 108 -17.53 1.40 -5.66
N THR D 109 -16.58 2.08 -5.03
CA THR D 109 -16.86 3.08 -4.02
C THR D 109 -16.19 4.37 -4.42
N VAL D 110 -16.96 5.46 -4.48
CA VAL D 110 -16.47 6.77 -4.86
C VAL D 110 -16.72 7.73 -3.70
N THR D 111 -15.67 8.46 -3.30
CA THR D 111 -15.75 9.38 -2.19
C THR D 111 -15.33 10.77 -2.63
N GLU D 112 -15.70 11.76 -1.81
CA GLU D 112 -15.34 13.15 -2.11
C GLU D 112 -13.83 13.36 -1.97
N ASP D 113 -13.31 13.16 -0.76
CA ASP D 113 -11.89 13.26 -0.49
C ASP D 113 -11.39 11.92 0.04
N LEU D 114 -10.13 11.60 -0.25
CA LEU D 114 -9.54 10.39 0.28
C LEU D 114 -9.17 10.52 1.76
N LYS D 115 -9.56 11.61 2.41
CA LYS D 115 -9.24 11.84 3.82
C LYS D 115 -10.02 10.94 4.76
N ASN D 116 -11.07 10.28 4.28
CA ASN D 116 -11.89 9.40 5.11
C ASN D 116 -11.63 7.92 4.85
N VAL D 117 -10.50 7.60 4.20
CA VAL D 117 -10.13 6.22 3.95
C VAL D 117 -9.23 5.75 5.08
N PHE D 118 -9.68 4.72 5.80
CA PHE D 118 -8.94 4.20 6.93
C PHE D 118 -8.90 2.68 6.90
N PRO D 119 -7.77 2.08 7.24
CA PRO D 119 -7.72 0.62 7.40
C PRO D 119 -8.41 0.21 8.70
N PRO D 120 -8.73 -1.07 8.86
CA PRO D 120 -9.38 -1.50 10.09
C PRO D 120 -8.40 -1.55 11.26
N GLU D 121 -8.97 -1.45 12.45
CA GLU D 121 -8.24 -1.72 13.70
C GLU D 121 -8.79 -3.03 14.24
N VAL D 122 -7.94 -4.05 14.26
CA VAL D 122 -8.35 -5.38 14.65
C VAL D 122 -7.93 -5.66 16.08
N ALA D 123 -8.84 -6.23 16.87
CA ALA D 123 -8.54 -6.70 18.21
C ALA D 123 -9.27 -8.01 18.43
N VAL D 124 -8.70 -8.86 19.28
CA VAL D 124 -9.31 -10.12 19.67
C VAL D 124 -9.53 -10.11 21.18
N PHE D 125 -10.66 -10.64 21.61
CA PHE D 125 -11.07 -10.63 23.02
C PHE D 125 -11.13 -12.06 23.54
N GLU D 126 -10.38 -12.33 24.61
CA GLU D 126 -10.27 -13.67 25.14
C GLU D 126 -11.58 -14.08 25.84
N PRO D 127 -11.88 -15.38 25.86
CA PRO D 127 -13.17 -15.82 26.44
C PRO D 127 -13.25 -15.50 27.92
N SER D 128 -14.47 -15.28 28.38
CA SER D 128 -14.70 -14.98 29.80
C SER D 128 -14.56 -16.26 30.62
N GLU D 129 -14.07 -16.09 31.85
CA GLU D 129 -13.93 -17.22 32.75
C GLU D 129 -15.29 -17.80 33.13
N ALA D 130 -16.33 -16.95 33.18
CA ALA D 130 -17.66 -17.43 33.53
C ALA D 130 -18.21 -18.37 32.47
N GLU D 131 -18.03 -18.02 31.19
CA GLU D 131 -18.52 -18.88 30.12
C GLU D 131 -17.86 -20.24 30.13
N ILE D 132 -16.57 -20.29 30.52
CA ILE D 132 -15.84 -21.55 30.50
C ILE D 132 -16.35 -22.50 31.58
N SER D 133 -16.80 -21.98 32.71
CA SER D 133 -17.25 -22.81 33.82
C SER D 133 -18.74 -23.12 33.77
N HIS D 134 -19.52 -22.41 32.96
CA HIS D 134 -20.96 -22.60 32.82
C HIS D 134 -21.33 -23.57 31.71
N THR D 135 -20.79 -23.36 30.51
CA THR D 135 -21.12 -24.18 29.36
C THR D 135 -19.98 -25.08 28.91
N GLN D 136 -18.82 -25.00 29.57
CA GLN D 136 -17.63 -25.75 29.19
C GLN D 136 -17.18 -25.45 27.76
N LYS D 137 -17.46 -24.24 27.28
CA LYS D 137 -17.06 -23.80 25.95
C LYS D 137 -16.43 -22.41 26.07
N ALA D 138 -15.62 -22.06 25.07
CA ALA D 138 -14.88 -20.80 25.06
C ALA D 138 -15.11 -20.09 23.73
N THR D 139 -15.58 -18.85 23.81
CA THR D 139 -15.90 -18.05 22.62
C THR D 139 -14.93 -16.88 22.53
N LEU D 140 -14.18 -16.81 21.44
CA LEU D 140 -13.35 -15.66 21.14
C LEU D 140 -14.10 -14.70 20.25
N VAL D 141 -13.92 -13.41 20.48
CA VAL D 141 -14.59 -12.37 19.70
C VAL D 141 -13.52 -11.49 19.06
N CYS D 142 -13.70 -11.19 17.77
CA CYS D 142 -12.80 -10.33 17.03
C CYS D 142 -13.54 -9.10 16.53
N LEU D 143 -12.89 -7.94 16.63
CA LEU D 143 -13.48 -6.67 16.25
C LEU D 143 -12.55 -5.94 15.30
N ALA D 144 -13.06 -5.60 14.12
CA ALA D 144 -12.38 -4.73 13.17
C ALA D 144 -13.14 -3.41 13.15
N THR D 145 -12.49 -2.32 13.53
CA THR D 145 -13.17 -1.06 13.75
C THR D 145 -12.54 0.07 12.93
N GLY D 146 -13.36 1.05 12.60
CA GLY D 146 -12.88 2.30 12.04
C GLY D 146 -12.43 2.25 10.60
N PHE D 147 -12.81 1.24 9.84
CA PHE D 147 -12.35 1.12 8.47
C PHE D 147 -13.36 1.73 7.50
N TYR D 148 -12.85 2.15 6.35
CA TYR D 148 -13.65 2.70 5.27
C TYR D 148 -12.85 2.60 3.97
N PRO D 149 -13.45 2.09 2.88
CA PRO D 149 -14.83 1.60 2.80
C PRO D 149 -15.01 0.23 3.46
N ASP D 150 -16.15 -0.41 3.22
CA ASP D 150 -16.50 -1.66 3.87
C ASP D 150 -15.99 -2.88 3.11
N HIS D 151 -14.87 -2.72 2.39
CA HIS D 151 -14.26 -3.78 1.58
C HIS D 151 -13.30 -4.59 2.46
N VAL D 152 -13.86 -5.51 3.25
CA VAL D 152 -13.06 -6.33 4.15
C VAL D 152 -13.44 -7.80 4.03
N GLU D 153 -12.49 -8.66 4.38
CA GLU D 153 -12.70 -10.10 4.44
C GLU D 153 -12.02 -10.62 5.70
N LEU D 154 -12.81 -11.19 6.60
CA LEU D 154 -12.32 -11.66 7.90
C LEU D 154 -12.18 -13.18 7.90
N SER D 155 -11.14 -13.67 8.55
CA SER D 155 -10.87 -15.11 8.62
C SER D 155 -10.12 -15.41 9.90
N TRP D 156 -10.41 -16.59 10.48
CA TRP D 156 -9.77 -17.07 11.68
C TRP D 156 -8.71 -18.11 11.34
N TRP D 157 -7.57 -18.05 12.04
CA TRP D 157 -6.45 -18.95 11.80
C TRP D 157 -6.01 -19.56 13.12
N VAL D 158 -6.12 -20.88 13.23
CA VAL D 158 -5.77 -21.62 14.45
C VAL D 158 -4.55 -22.47 14.14
N ASN D 159 -3.45 -22.20 14.86
CA ASN D 159 -2.19 -22.89 14.64
C ASN D 159 -1.76 -22.82 13.18
N GLY D 160 -1.94 -21.64 12.59
CA GLY D 160 -1.49 -21.36 11.24
C GLY D 160 -2.38 -21.86 10.14
N LYS D 161 -3.51 -22.49 10.47
CA LYS D 161 -4.42 -23.05 9.47
C LYS D 161 -5.78 -22.39 9.59
N GLU D 162 -6.32 -21.93 8.47
CA GLU D 162 -7.61 -21.27 8.47
C GLU D 162 -8.71 -22.28 8.81
N VAL D 163 -9.62 -21.87 9.70
CA VAL D 163 -10.70 -22.74 10.15
C VAL D 163 -12.04 -22.13 9.77
N HIS D 164 -13.06 -22.98 9.71
CA HIS D 164 -14.43 -22.56 9.47
C HIS D 164 -15.43 -23.14 10.45
N SER D 165 -15.12 -24.26 11.10
CA SER D 165 -16.01 -24.79 12.11
C SER D 165 -15.98 -23.88 13.35
N GLY D 166 -17.16 -23.67 13.94
CA GLY D 166 -17.24 -22.83 15.12
C GLY D 166 -17.01 -21.36 14.87
N VAL D 167 -17.09 -20.91 13.62
CA VAL D 167 -16.87 -19.52 13.24
C VAL D 167 -18.19 -18.93 12.78
N CYS D 168 -18.43 -17.68 13.16
CA CYS D 168 -19.58 -16.92 12.69
C CYS D 168 -19.15 -15.46 12.56
N THR D 169 -19.47 -14.86 11.41
CA THR D 169 -19.12 -13.47 11.13
C THR D 169 -20.36 -12.73 10.68
N ASP D 170 -20.45 -11.45 11.05
CA ASP D 170 -21.59 -10.63 10.66
C ASP D 170 -21.73 -10.63 9.14
N PRO D 171 -22.95 -10.67 8.61
CA PRO D 171 -23.11 -10.72 7.15
C PRO D 171 -22.56 -9.50 6.45
N GLN D 172 -22.73 -8.32 7.04
CA GLN D 172 -22.21 -7.09 6.47
C GLN D 172 -21.72 -6.18 7.58
N PRO D 173 -20.75 -5.32 7.29
CA PRO D 173 -20.26 -4.40 8.32
C PRO D 173 -21.34 -3.46 8.83
N LEU D 174 -21.07 -2.86 9.97
CA LEU D 174 -22.00 -2.01 10.68
C LEU D 174 -21.47 -0.58 10.70
N LYS D 175 -22.31 0.38 10.31
CA LYS D 175 -21.93 1.78 10.31
C LYS D 175 -21.75 2.28 11.74
N GLU D 176 -20.56 2.81 12.06
CA GLU D 176 -20.30 3.33 13.40
C GLU D 176 -21.15 4.56 13.69
N GLN D 177 -21.44 5.37 12.68
CA GLN D 177 -22.24 6.58 12.83
C GLN D 177 -23.24 6.60 11.68
N PRO D 178 -24.38 5.93 11.84
CA PRO D 178 -25.32 5.77 10.72
C PRO D 178 -25.80 7.08 10.10
N ALA D 179 -25.77 8.19 10.84
CA ALA D 179 -26.26 9.45 10.29
C ALA D 179 -25.30 10.08 9.30
N LEU D 180 -24.04 9.65 9.27
CA LEU D 180 -23.05 10.21 8.36
C LEU D 180 -23.02 9.46 7.04
N ASN D 181 -22.90 10.20 5.94
CA ASN D 181 -22.80 9.57 4.63
C ASN D 181 -21.47 8.86 4.44
N ASP D 182 -20.41 9.34 5.10
CA ASP D 182 -19.06 8.78 4.98
C ASP D 182 -18.62 8.15 6.29
N SER D 183 -19.55 7.46 6.96
CA SER D 183 -19.25 6.82 8.23
C SER D 183 -18.25 5.69 8.04
N ARG D 184 -17.46 5.45 9.07
CA ARG D 184 -16.56 4.31 9.13
C ARG D 184 -17.31 3.08 9.65
N TYR D 185 -16.83 1.91 9.27
CA TYR D 185 -17.55 0.68 9.53
C TYR D 185 -16.87 -0.17 10.60
N ALA D 186 -17.65 -1.08 11.19
CA ALA D 186 -17.14 -2.05 12.13
C ALA D 186 -17.64 -3.44 11.75
N LEU D 187 -16.94 -4.45 12.24
CA LEU D 187 -17.28 -5.83 11.91
C LEU D 187 -16.85 -6.73 13.06
N SER D 188 -17.72 -7.66 13.43
CA SER D 188 -17.43 -8.61 14.50
C SER D 188 -17.49 -10.04 13.97
N SER D 189 -16.83 -10.93 14.71
CA SER D 189 -16.84 -12.34 14.37
C SER D 189 -16.56 -13.14 15.63
N ARG D 190 -17.10 -14.35 15.67
CA ARG D 190 -16.97 -15.23 16.81
C ARG D 190 -16.26 -16.52 16.39
N LEU D 191 -15.47 -17.06 17.31
CA LEU D 191 -14.86 -18.37 17.17
C LEU D 191 -15.04 -19.09 18.50
N ARG D 192 -15.83 -20.16 18.50
CA ARG D 192 -16.12 -20.91 19.71
C ARG D 192 -15.43 -22.27 19.65
N VAL D 193 -14.61 -22.56 20.66
CA VAL D 193 -13.92 -23.82 20.80
C VAL D 193 -14.25 -24.40 22.16
N SER D 194 -13.87 -25.66 22.35
CA SER D 194 -14.09 -26.30 23.64
C SER D 194 -13.22 -25.64 24.71
N ALA D 195 -13.67 -25.73 25.95
CA ALA D 195 -12.92 -25.14 27.06
C ALA D 195 -11.54 -25.76 27.19
N THR D 196 -11.44 -27.09 27.06
CA THR D 196 -10.14 -27.74 27.15
C THR D 196 -9.23 -27.36 25.99
N PHE D 197 -9.78 -26.85 24.88
CA PHE D 197 -8.93 -26.46 23.76
C PHE D 197 -8.36 -25.07 23.93
N TRP D 198 -9.14 -24.14 24.48
CA TRP D 198 -8.64 -22.80 24.79
C TRP D 198 -7.68 -22.78 25.96
N GLN D 199 -7.76 -23.77 26.86
CA GLN D 199 -6.89 -23.82 28.04
C GLN D 199 -5.53 -24.45 27.73
N ASP D 200 -5.22 -24.70 26.47
CA ASP D 200 -3.91 -25.22 26.09
C ASP D 200 -3.04 -24.07 25.64
N PRO D 201 -2.00 -23.69 26.40
CA PRO D 201 -1.14 -22.56 25.99
C PRO D 201 -0.34 -22.82 24.72
N ARG D 202 -0.40 -23.99 24.11
CA ARG D 202 0.31 -24.25 22.87
C ARG D 202 -0.55 -24.02 21.64
N ASN D 203 -1.79 -23.54 21.82
CA ASN D 203 -2.69 -23.22 20.72
C ASN D 203 -2.64 -21.73 20.43
N HIS D 204 -2.57 -21.38 19.15
CA HIS D 204 -2.43 -20.00 18.69
C HIS D 204 -3.68 -19.61 17.90
N PHE D 205 -4.29 -18.50 18.29
CA PHE D 205 -5.47 -17.97 17.62
C PHE D 205 -5.14 -16.61 17.02
N ARG D 206 -5.57 -16.39 15.78
CA ARG D 206 -5.32 -15.16 15.06
C ARG D 206 -6.54 -14.80 14.23
N CYS D 207 -6.93 -13.53 14.30
CA CYS D 207 -8.05 -13.00 13.54
C CYS D 207 -7.49 -12.09 12.45
N GLN D 208 -7.55 -12.55 11.21
CA GLN D 208 -6.97 -11.84 10.07
C GLN D 208 -8.06 -11.10 9.30
N VAL D 209 -7.80 -9.83 8.98
CA VAL D 209 -8.76 -8.98 8.28
C VAL D 209 -8.07 -8.40 7.05
N GLN D 210 -8.51 -8.84 5.87
CA GLN D 210 -8.01 -8.30 4.61
C GLN D 210 -8.79 -7.05 4.25
N PHE D 211 -8.09 -5.95 4.02
CA PHE D 211 -8.69 -4.67 3.69
C PHE D 211 -8.30 -4.29 2.26
N TYR D 212 -9.25 -3.77 1.50
CA TYR D 212 -9.02 -3.32 0.13
C TYR D 212 -9.19 -1.82 0.09
N GLY D 213 -8.09 -1.11 -0.13
CA GLY D 213 -8.12 0.34 -0.20
C GLY D 213 -7.30 0.88 -1.36
N LEU D 214 -6.57 1.97 -1.11
CA LEU D 214 -5.73 2.55 -2.16
C LEU D 214 -4.71 1.53 -2.66
N SER D 215 -4.35 1.66 -3.92
CA SER D 215 -3.26 0.87 -4.46
C SER D 215 -1.93 1.59 -4.25
N GLU D 216 -0.84 0.82 -4.37
CA GLU D 216 0.48 1.39 -4.23
C GLU D 216 0.75 2.48 -5.26
N ASN D 217 0.03 2.46 -6.40
CA ASN D 217 0.23 3.46 -7.44
C ASN D 217 -0.59 4.73 -7.23
N ASP D 218 -1.59 4.69 -6.35
CA ASP D 218 -2.40 5.87 -6.10
C ASP D 218 -1.58 6.93 -5.36
N GLU D 219 -1.88 8.19 -5.63
CA GLU D 219 -1.17 9.30 -4.99
C GLU D 219 -1.76 9.58 -3.62
N TRP D 220 -0.91 10.06 -2.71
CA TRP D 220 -1.27 10.30 -1.32
C TRP D 220 -0.51 11.52 -0.84
N THR D 221 -1.23 12.53 -0.34
CA THR D 221 -0.61 13.79 0.06
C THR D 221 -0.85 14.15 1.52
N GLN D 222 -1.39 13.23 2.32
CA GLN D 222 -1.66 13.47 3.72
C GLN D 222 -0.54 12.95 4.59
N ASP D 223 -0.32 13.62 5.73
CA ASP D 223 0.75 13.21 6.64
C ASP D 223 0.45 11.87 7.29
N ARG D 224 -0.82 11.53 7.42
CA ARG D 224 -1.24 10.26 7.99
C ARG D 224 -0.67 9.09 7.17
N ALA D 225 -0.56 7.94 7.82
CA ALA D 225 -0.13 6.72 7.12
C ALA D 225 -1.09 6.40 5.98
N LYS D 226 -0.53 5.97 4.85
CA LYS D 226 -1.32 5.77 3.64
C LYS D 226 -2.20 4.53 3.77
N PRO D 227 -3.52 4.65 3.64
CA PRO D 227 -4.44 3.51 3.81
C PRO D 227 -4.44 2.60 2.58
N VAL D 228 -3.33 1.92 2.39
CA VAL D 228 -3.18 1.02 1.25
C VAL D 228 -3.89 -0.30 1.55
N THR D 229 -4.12 -1.08 0.49
CA THR D 229 -4.64 -2.43 0.67
C THR D 229 -3.65 -3.26 1.49
N GLN D 230 -4.12 -3.80 2.60
CA GLN D 230 -3.24 -4.43 3.58
C GLN D 230 -4.02 -5.46 4.40
N ILE D 231 -3.28 -6.18 5.23
CA ILE D 231 -3.84 -7.16 6.16
C ILE D 231 -3.54 -6.70 7.58
N VAL D 232 -4.56 -6.66 8.42
CA VAL D 232 -4.43 -6.33 9.83
C VAL D 232 -4.96 -7.51 10.63
N SER D 233 -4.19 -7.95 11.63
CA SER D 233 -4.59 -9.11 12.42
C SER D 233 -4.28 -8.88 13.89
N ALA D 234 -4.83 -9.76 14.72
CA ALA D 234 -4.61 -9.74 16.17
C ALA D 234 -4.54 -11.18 16.65
N GLU D 235 -3.62 -11.44 17.57
CA GLU D 235 -3.29 -12.80 18.01
C GLU D 235 -3.68 -13.02 19.46
N ALA D 236 -3.68 -14.30 19.84
CA ALA D 236 -3.95 -14.70 21.22
C ALA D 236 -3.51 -16.15 21.40
N TRP D 237 -2.97 -16.45 22.58
CA TRP D 237 -2.54 -17.78 22.95
C TRP D 237 -3.49 -18.37 23.99
N GLY D 238 -3.27 -19.64 24.32
CA GLY D 238 -4.08 -20.30 25.32
C GLY D 238 -3.63 -19.99 26.73
N ARG D 239 -4.59 -19.99 27.65
CA ARG D 239 -4.34 -19.69 29.06
C ARG D 239 -5.07 -20.71 29.92
N ALA D 240 -4.40 -21.16 30.97
CA ALA D 240 -5.02 -22.12 31.90
C ALA D 240 -5.51 -21.42 33.15
N ILE E 1 14.80 20.81 -14.33
CA ILE E 1 13.74 20.03 -14.96
C ILE E 1 14.34 18.82 -15.67
N THR E 2 13.61 17.71 -15.65
CA THR E 2 14.16 16.49 -16.23
C THR E 2 14.00 16.49 -17.74
N ASP E 3 14.83 15.67 -18.39
CA ASP E 3 14.74 15.50 -19.83
C ASP E 3 13.47 14.71 -20.18
N GLN E 4 13.20 14.56 -21.48
CA GLN E 4 12.05 13.79 -21.88
C GLN E 4 12.26 12.31 -21.61
N VAL E 5 11.18 11.55 -21.67
CA VAL E 5 11.18 10.12 -21.39
C VAL E 5 12.30 9.45 -22.20
N PRO E 6 13.16 8.66 -21.57
CA PRO E 6 14.32 8.13 -22.29
C PRO E 6 13.94 6.98 -23.19
N PHE E 7 14.86 6.65 -24.10
CA PHE E 7 14.71 5.48 -24.96
C PHE E 7 15.13 4.23 -24.21
N SER E 8 14.49 3.12 -24.56
CA SER E 8 14.83 1.84 -23.96
C SER E 8 16.03 1.22 -24.70
N VAL E 9 16.83 0.48 -23.95
CA VAL E 9 18.01 -0.16 -24.52
C VAL E 9 17.59 -1.31 -25.43
#